data_1IA0
#
_entry.id   1IA0
#
_cell.length_a   1.000
_cell.length_b   1.000
_cell.length_c   1.000
_cell.angle_alpha   90.00
_cell.angle_beta   90.00
_cell.angle_gamma   90.00
#
_symmetry.space_group_name_H-M   'P 1'
#
loop_
_entity.id
_entity.type
_entity.pdbx_description
1 polymer 'TUBULIN ALPHA CHAIN'
2 polymer 'TUBULIN BETA CHAIN'
3 polymer 'KINESIN-LIKE PROTEIN KIF1A'
4 non-polymer "GUANOSINE-5'-TRIPHOSPHATE"
5 non-polymer "GUANOSINE-5'-DIPHOSPHATE"
6 non-polymer TAXOTERE
7 non-polymer 'MAGNESIUM ION'
8 non-polymer 'PHOSPHOMETHYLPHOSPHONIC ACID ADENYLATE ESTER'
#
loop_
_entity_poly.entity_id
_entity_poly.type
_entity_poly.pdbx_seq_one_letter_code
_entity_poly.pdbx_strand_id
1 'polypeptide(L)'
;MRECISIHVGQAGVQIGNACWELYCLEHGIQPDGQMPSDKTIGGGDDSFNTFFSETGAGKHVPRAVFVDLEPTVIDEVRT
GTYRQLFHPEQLITGKEDAANNYARGHYTIGKEIIDLVLDRIRKLADQCTGLQGFSVFHSFGGGTGSGFTSLLMERLSVD
YGKKSKLEFSIYPAPQVSTAVVEPYNSILTTHTTLEHSDCAFMVDNEAIYDICRRNLDIERPTYTNLNRLIGQIVSSITA
SLRFDGALNVDLTEFQTNLVPYPRAHFPLATYAPVISAEKAYHEQLSVAEITNACFEPANQMVKCDPRHGKYMACCLLYR
GDVVPKDVNAAIATIKTKRTIQFVDWCPTGFKVGINYEPPTVVPGGDLAKVQRAVCMLSNTTAIAEAWARLDHKFDLMYA
KRAFVHWYVGEGMEEGEFSEAREDMAALEKDYEEVGVDSVEGEGEEEGEEY
;
A
2 'polypeptide(L)'
;MREIVHIQAGQCGNQIGAKFWEVISDEHGIDPTGSYHGDSDLQLERINVYYNEAAGNKYVPRAILVDLEPGTMDSVRSGP
FGQIFRPDNFVFGQSGAGNNWAKGHYTEGAELVDSVLDVVRKESESCDCLQGFQLTHSLGGGTGSGMGTLLISKIREEYP
DRIMNTFSVVPSPKVSDTVVEPYNATLSVHQLVENTDETYCIDNEALYDICFRTLKLTTPTYGDLNHLVSATMSGVTTCL
RFPGQLNADLRKLAVNMVPFPRLHFFMPGFAPLTSRGSQQYRALTVPELTQQMFDAKNMMAACDPRHGRYLTVAAVFRGR
MSMKEVDEQMLNVQNKNSSYFVEWIPNNVKTAVCDIPPRGLKMSATFIGNSTAIQELFKRISEQFTAMFRRKAFLHWYTG
EGMDEMEFTEAESNMNDLVSEYQQYQDATADEQGEFEEEGEEDEA
;
B
3 'polypeptide(L)'
;MASMTGGQQMGRDPINMPGASVKVAVRVRPFNSREMSRDSKCIIQMSGSTTTIVNPKQPKETPKSFSFDYSYWSHTSPED
INYASQKQVYRDIGEEMLQHAFEGYNVCIFAYGQTGAGKSYTMMGKQEKDQQGIIPQLCEDLFSRINDTTNDNMSYSVEV
SYMEIYCERVRDLLNPKNKGNLRVREHPLLGPYVEDLSKLAVTSYNDIQDLMDSGNKARTVAATNMNETSSRSHAVFNII
FTQKRHDAETNITTEKVSKISLVDLAGSERADSTGAKGTRLKEGANINKSLTTLGKVISALAEMDSGPNKNKKKKKTDFI
PYRDSVLTWLLRENLGGNSRTAMVAALSPADINYDETLSTLRYADRAKQIRNTVSVNLELTAEEWKKKHHHHHH
;
K
#
loop_
_chem_comp.id
_chem_comp.type
_chem_comp.name
_chem_comp.formula
ACP non-polymer 'PHOSPHOMETHYLPHOSPHONIC ACID ADENYLATE ESTER' 'C11 H18 N5 O12 P3'
GDP RNA linking GUANOSINE-5'-DIPHOSPHATE 'C10 H15 N5 O11 P2'
GTP non-polymer GUANOSINE-5'-TRIPHOSPHATE 'C10 H16 N5 O14 P3'
MG non-polymer 'MAGNESIUM ION' 'Mg 2'
TXL non-polymer TAXOTERE 'C43 H53 N O14'
#
# COMPACT_ATOMS: atom_id res chain seq x y z
N MET A 1 -14.20 -2.82 11.75
CA MET A 1 -15.26 -2.47 12.68
C MET A 1 -15.85 -2.37 11.44
N ARG A 2 -14.62 -3.08 11.05
CA ARG A 2 -13.72 -3.75 9.91
C ARG A 2 -14.06 -5.19 9.61
N GLU A 3 -15.28 -5.38 9.45
CA GLU A 3 -15.87 -6.62 9.20
C GLU A 3 -15.39 -7.24 7.92
N CYS A 4 -15.50 -8.48 7.94
CA CYS A 4 -15.28 -9.27 6.79
C CYS A 4 -16.65 -9.59 6.31
N ILE A 5 -16.70 -9.96 5.11
CA ILE A 5 -17.90 -10.52 4.55
C ILE A 5 -17.48 -11.85 4.07
N SER A 6 -18.20 -12.84 4.51
CA SER A 6 -17.83 -14.19 4.19
C SER A 6 -18.72 -14.83 3.17
N ILE A 7 -18.05 -15.14 2.07
CA ILE A 7 -18.65 -15.82 0.95
C ILE A 7 -18.04 -17.14 0.72
N HIS A 8 -18.91 -18.08 0.47
CA HIS A 8 -18.55 -19.40 0.07
C HIS A 8 -18.73 -19.46 -1.41
N VAL A 9 -18.29 -20.49 -2.04
CA VAL A 9 -18.41 -20.58 -3.46
C VAL A 9 -18.80 -21.95 -3.92
N GLY A 10 -18.19 -22.92 -3.40
CA GLY A 10 -18.45 -24.28 -3.81
C GLY A 10 -18.08 -25.30 -2.79
N GLN A 11 -18.48 -26.55 -3.11
CA GLN A 11 -18.30 -27.69 -2.31
C GLN A 11 -17.09 -27.51 -1.47
N ALA A 12 -16.03 -27.14 -2.14
CA ALA A 12 -14.81 -26.80 -1.48
C ALA A 12 -15.12 -25.71 -0.45
N GLY A 13 -15.92 -24.78 -0.85
CA GLY A 13 -16.28 -23.60 -0.03
C GLY A 13 -17.37 -23.89 1.05
N VAL A 14 -18.46 -24.51 0.81
CA VAL A 14 -19.51 -24.61 1.85
C VAL A 14 -19.02 -25.38 3.01
N GLN A 15 -18.07 -26.32 2.72
CA GLN A 15 -17.55 -27.10 3.76
C GLN A 15 -16.50 -26.31 4.52
N ILE A 16 -15.63 -25.85 3.68
CA ILE A 16 -14.49 -25.12 4.18
C ILE A 16 -14.93 -24.15 5.26
N GLY A 17 -16.08 -23.61 5.10
CA GLY A 17 -16.67 -22.73 6.09
C GLY A 17 -17.03 -23.39 7.37
N ASN A 18 -17.38 -24.77 7.01
CA ASN A 18 -17.75 -25.49 8.22
C ASN A 18 -16.56 -25.58 9.10
N ALA A 19 -15.37 -25.60 8.34
CA ALA A 19 -14.14 -25.51 9.05
C ALA A 19 -13.89 -24.11 9.55
N CYS A 20 -14.13 -23.15 8.84
CA CYS A 20 -13.97 -21.78 9.27
C CYS A 20 -14.90 -21.49 10.46
N TRP A 21 -16.32 -21.78 10.21
CA TRP A 21 -17.40 -21.42 11.13
C TRP A 21 -17.35 -22.21 12.37
N GLU A 22 -16.94 -23.43 12.46
CA GLU A 22 -16.71 -24.26 13.59
C GLU A 22 -15.50 -23.75 14.32
N LEU A 23 -14.46 -23.43 13.49
CA LEU A 23 -13.25 -23.00 14.16
C LEU A 23 -13.51 -21.72 14.91
N TYR A 24 -14.48 -21.07 14.48
CA TYR A 24 -14.88 -19.87 15.19
C TYR A 24 -15.52 -20.21 16.52
N CYS A 25 -16.42 -20.75 17.00
CA CYS A 25 -16.80 -21.58 18.11
C CYS A 25 -16.03 -21.16 19.33
N LEU A 26 -15.67 -19.92 19.43
CA LEU A 26 -14.98 -19.41 20.59
C LEU A 26 -15.47 -18.05 20.97
N GLU A 27 -16.61 -17.73 20.50
CA GLU A 27 -17.29 -16.49 20.71
C GLU A 27 -16.81 -15.51 19.68
N HIS A 28 -15.99 -15.83 18.50
CA HIS A 28 -15.64 -14.77 17.59
C HIS A 28 -16.55 -14.87 16.43
N GLY A 29 -16.37 -13.93 15.56
CA GLY A 29 -17.12 -13.83 14.37
C GLY A 29 -16.34 -12.93 13.44
N ILE A 30 -16.58 -12.96 12.18
CA ILE A 30 -16.22 -11.91 11.26
C ILE A 30 -16.90 -10.65 11.70
N GLN A 31 -15.98 -9.70 11.79
CA GLN A 31 -15.41 -8.54 12.45
C GLN A 31 -15.89 -7.69 13.71
N PRO A 32 -16.71 -8.24 14.12
CA PRO A 32 -17.53 -7.94 15.27
C PRO A 32 -17.47 -8.69 16.60
N ASP A 33 -16.50 -9.52 16.85
CA ASP A 33 -16.48 -10.21 18.13
C ASP A 33 -16.49 -9.21 19.10
N GLY A 34 -17.22 -8.38 18.89
CA GLY A 34 -17.21 -7.65 19.88
C GLY A 34 -17.94 -8.32 21.00
N GLN A 35 -18.39 -9.37 21.29
CA GLN A 35 -18.33 -10.32 22.32
C GLN A 35 -19.64 -11.08 22.49
N MET A 36 -19.57 -12.20 23.06
CA MET A 36 -20.82 -12.89 23.29
C MET A 36 -20.72 -13.88 24.38
N PRO A 37 -21.57 -14.24 25.18
CA PRO A 37 -21.77 -15.11 26.29
C PRO A 37 -22.31 -16.46 25.87
N SER A 38 -22.69 -16.48 24.60
CA SER A 38 -23.25 -17.68 24.03
C SER A 38 -22.18 -18.61 23.54
N ASP A 39 -22.06 -19.25 23.28
CA ASP A 39 -21.54 -20.53 23.30
C ASP A 39 -22.39 -21.50 22.56
N LYS A 40 -21.75 -22.61 22.27
CA LYS A 40 -22.41 -23.72 21.65
C LYS A 40 -23.02 -23.34 20.37
N THR A 41 -24.26 -23.76 20.18
CA THR A 41 -24.93 -23.52 18.97
C THR A 41 -25.29 -22.09 18.88
N ILE A 42 -25.03 -21.65 19.99
CA ILE A 42 -25.55 -20.35 20.15
C ILE A 42 -26.99 -20.43 20.68
N GLY A 43 -27.73 -21.38 21.04
CA GLY A 43 -29.16 -21.55 21.26
C GLY A 43 -29.55 -20.77 22.62
N GLY A 44 -28.44 -21.22 23.52
CA GLY A 44 -28.32 -20.90 24.92
C GLY A 44 -27.98 -19.45 25.22
N GLY A 45 -27.57 -18.79 24.17
CA GLY A 45 -27.31 -17.38 24.26
C GLY A 45 -28.59 -16.63 24.39
N ASP A 46 -29.76 -17.21 24.18
CA ASP A 46 -30.90 -16.42 24.23
C ASP A 46 -31.57 -16.43 22.92
N ASP A 47 -32.98 -16.03 22.98
CA ASP A 47 -33.73 -15.49 21.96
C ASP A 47 -34.35 -14.22 22.38
N SER A 48 -33.92 -13.17 21.79
CA SER A 48 -34.49 -11.90 22.07
C SER A 48 -35.40 -11.51 20.99
N PHE A 49 -36.67 -11.83 21.17
CA PHE A 49 -37.54 -11.60 20.09
C PHE A 49 -37.19 -12.45 18.90
N ASN A 50 -37.30 -12.08 17.63
CA ASN A 50 -36.68 -12.05 16.33
C ASN A 50 -37.27 -13.10 15.45
N THR A 51 -36.78 -13.88 14.62
CA THR A 51 -37.11 -14.32 13.29
C THR A 51 -35.89 -14.76 12.51
N PHE A 52 -36.06 -15.13 11.27
CA PHE A 52 -34.89 -15.51 10.49
C PHE A 52 -33.84 -14.44 10.52
N PHE A 53 -32.61 -14.83 10.61
CA PHE A 53 -31.56 -13.85 10.61
C PHE A 53 -31.59 -12.99 11.85
N SER A 54 -31.06 -12.48 12.38
CA SER A 54 -31.31 -11.95 13.71
C SER A 54 -30.99 -10.49 13.78
N GLU A 55 -32.07 -9.74 14.04
CA GLU A 55 -31.94 -8.38 14.43
C GLU A 55 -31.52 -8.24 15.86
N THR A 56 -32.00 -9.17 16.67
CA THR A 56 -31.75 -9.15 18.06
C THR A 56 -30.27 -9.20 18.28
N GLY A 57 -29.72 -9.93 17.25
CA GLY A 57 -28.35 -10.14 17.65
C GLY A 57 -27.40 -9.61 16.64
N ALA A 58 -26.12 -9.37 16.96
CA ALA A 58 -25.12 -9.02 15.96
C ALA A 58 -24.49 -10.22 15.34
N GLY A 59 -23.64 -9.93 14.33
CA GLY A 59 -22.96 -10.98 13.61
C GLY A 59 -22.34 -11.88 14.62
N LYS A 60 -21.97 -11.24 15.72
CA LYS A 60 -21.36 -11.88 16.85
C LYS A 60 -22.18 -13.08 17.30
N HIS A 61 -23.44 -12.83 17.56
CA HIS A 61 -24.39 -13.80 18.09
C HIS A 61 -24.66 -14.79 16.99
N VAL A 62 -24.63 -14.26 15.85
CA VAL A 62 -24.73 -14.96 14.62
C VAL A 62 -23.92 -14.15 13.64
N PRO A 63 -23.46 -14.87 12.70
CA PRO A 63 -22.30 -14.61 11.78
C PRO A 63 -22.20 -13.46 10.82
N ARG A 64 -21.03 -13.49 10.06
CA ARG A 64 -20.58 -12.60 8.91
C ARG A 64 -21.07 -13.25 7.63
N ALA A 65 -20.91 -14.47 7.50
CA ALA A 65 -21.89 -15.20 6.76
C ALA A 65 -22.36 -15.10 5.29
N VAL A 66 -22.05 -15.94 4.28
CA VAL A 66 -22.92 -16.08 3.01
C VAL A 66 -22.46 -17.32 2.27
N PHE A 67 -23.20 -18.37 2.30
CA PHE A 67 -22.96 -19.63 1.63
C PHE A 67 -23.65 -19.68 0.30
N VAL A 68 -22.87 -20.00 -0.81
CA VAL A 68 -23.39 -20.25 -2.13
C VAL A 68 -23.23 -21.69 -2.51
N ASP A 69 -24.34 -22.34 -2.78
CA ASP A 69 -24.32 -23.73 -3.16
C ASP A 69 -24.94 -23.92 -4.51
N LEU A 70 -24.54 -24.37 -5.34
CA LEU A 70 -25.19 -24.55 -6.61
C LEU A 70 -25.74 -25.95 -6.74
N GLU A 71 -25.76 -26.60 -5.66
CA GLU A 71 -26.23 -27.96 -5.49
C GLU A 71 -26.59 -27.89 -3.96
N PRO A 72 -27.56 -28.57 -3.46
CA PRO A 72 -28.01 -28.54 -2.05
C PRO A 72 -27.09 -29.24 -1.18
N THR A 73 -26.43 -30.15 -1.90
CA THR A 73 -25.48 -31.11 -1.42
C THR A 73 -24.86 -30.56 -0.16
N VAL A 74 -23.76 -29.84 -0.24
CA VAL A 74 -23.04 -29.33 0.89
C VAL A 74 -23.90 -28.41 1.72
N ILE A 75 -24.69 -27.69 1.06
CA ILE A 75 -25.59 -26.77 1.73
C ILE A 75 -26.66 -27.52 2.52
N ASP A 76 -27.08 -28.65 2.01
CA ASP A 76 -28.01 -29.41 2.84
C ASP A 76 -27.31 -29.83 4.06
N GLU A 77 -26.01 -29.98 3.99
CA GLU A 77 -25.32 -30.32 5.19
C GLU A 77 -25.45 -29.21 6.22
N VAL A 78 -24.68 -28.08 5.73
CA VAL A 78 -24.84 -26.96 6.62
C VAL A 78 -26.30 -26.76 6.99
N ARG A 79 -27.22 -27.01 6.25
CA ARG A 79 -28.61 -27.04 6.63
C ARG A 79 -29.01 -28.37 7.16
N THR A 80 -28.20 -29.33 6.91
CA THR A 80 -28.44 -30.71 7.20
C THR A 80 -28.92 -30.88 8.62
N GLY A 81 -29.87 -31.61 8.78
CA GLY A 81 -30.39 -31.97 10.06
C GLY A 81 -29.81 -31.02 11.06
N THR A 82 -30.19 -29.78 10.91
CA THR A 82 -29.70 -28.74 11.79
C THR A 82 -28.52 -29.36 12.39
N TYR A 83 -27.61 -29.54 11.47
CA TYR A 83 -26.33 -30.15 11.39
C TYR A 83 -25.55 -29.86 12.63
N ARG A 84 -26.13 -29.45 13.72
CA ARG A 84 -25.44 -29.17 14.96
C ARG A 84 -24.96 -27.79 15.04
N GLN A 85 -25.21 -27.10 14.02
CA GLN A 85 -24.70 -25.82 13.98
C GLN A 85 -25.60 -24.83 13.47
N LEU A 86 -26.72 -24.61 13.94
CA LEU A 86 -27.40 -23.67 13.18
C LEU A 86 -26.83 -22.27 13.16
N PHE A 87 -26.17 -21.93 12.05
CA PHE A 87 -25.45 -20.68 12.07
C PHE A 87 -26.26 -19.63 11.46
N HIS A 88 -27.20 -19.51 10.88
CA HIS A 88 -28.40 -18.82 10.62
C HIS A 88 -29.16 -19.37 9.47
N PRO A 89 -30.37 -19.12 9.41
CA PRO A 89 -31.07 -19.31 8.17
C PRO A 89 -30.99 -18.10 7.31
N GLU A 90 -31.02 -18.28 6.05
CA GLU A 90 -31.02 -17.20 5.15
C GLU A 90 -29.67 -16.52 5.04
N GLN A 91 -28.64 -16.91 5.29
CA GLN A 91 -27.29 -16.64 4.83
C GLN A 91 -26.80 -17.70 3.89
N LEU A 92 -27.63 -18.92 3.82
CA LEU A 92 -27.44 -19.89 2.76
C LEU A 92 -28.17 -19.55 1.52
N ILE A 93 -27.64 -19.76 0.33
CA ILE A 93 -28.14 -20.00 -0.98
C ILE A 93 -27.98 -21.44 -1.39
N THR A 94 -29.00 -21.95 -1.87
CA THR A 94 -29.07 -23.28 -2.34
C THR A 94 -29.73 -23.27 -3.63
N GLY A 95 -28.96 -23.40 -4.66
CA GLY A 95 -29.49 -23.38 -5.95
C GLY A 95 -29.58 -24.76 -6.50
N LYS A 96 -30.78 -25.15 -6.75
CA LYS A 96 -31.08 -26.39 -7.40
C LYS A 96 -31.17 -26.14 -8.87
N GLU A 97 -30.09 -25.66 -9.42
CA GLU A 97 -29.99 -25.39 -10.84
C GLU A 97 -29.33 -26.52 -11.47
N ASP A 98 -29.10 -27.34 -10.56
CA ASP A 98 -28.38 -28.46 -10.86
C ASP A 98 -26.97 -27.98 -11.02
N ALA A 99 -26.15 -28.61 -10.35
CA ALA A 99 -24.77 -28.23 -10.32
C ALA A 99 -24.07 -28.40 -11.65
N ALA A 100 -23.06 -27.59 -11.81
CA ALA A 100 -22.27 -27.58 -13.02
C ALA A 100 -20.80 -27.39 -12.74
N ASN A 101 -20.09 -28.33 -13.26
CA ASN A 101 -18.64 -28.33 -13.31
C ASN A 101 -18.25 -27.76 -14.65
N ASN A 102 -17.65 -26.65 -14.64
CA ASN A 102 -17.28 -25.99 -15.85
C ASN A 102 -17.00 -24.58 -15.45
N TYR A 103 -16.13 -24.00 -16.06
CA TYR A 103 -15.95 -22.68 -15.62
C TYR A 103 -17.01 -21.91 -16.23
N ALA A 104 -17.40 -22.47 -17.31
CA ALA A 104 -18.39 -21.94 -18.10
C ALA A 104 -19.76 -22.05 -17.41
N ARG A 105 -20.05 -23.20 -16.88
CA ARG A 105 -21.33 -23.49 -16.20
C ARG A 105 -21.31 -23.01 -14.79
N GLY A 106 -22.42 -22.52 -14.47
CA GLY A 106 -22.69 -21.87 -13.27
C GLY A 106 -22.21 -20.46 -13.46
N HIS A 107 -20.96 -20.24 -13.88
CA HIS A 107 -20.35 -18.94 -14.11
C HIS A 107 -21.06 -18.30 -15.22
N TYR A 108 -21.14 -18.75 -16.42
CA TYR A 108 -21.84 -18.16 -17.49
C TYR A 108 -23.31 -18.52 -17.38
N THR A 109 -23.61 -19.76 -17.11
CA THR A 109 -24.96 -20.37 -17.21
C THR A 109 -25.89 -20.25 -16.00
N ILE A 110 -26.03 -21.22 -15.17
CA ILE A 110 -26.93 -21.24 -14.01
C ILE A 110 -26.50 -20.19 -13.00
N GLY A 111 -25.26 -20.06 -12.91
CA GLY A 111 -24.81 -18.98 -12.00
C GLY A 111 -25.23 -17.67 -12.46
N LYS A 112 -25.24 -17.20 -13.55
CA LYS A 112 -25.58 -15.86 -13.88
C LYS A 112 -26.90 -15.51 -13.19
N GLU A 113 -27.81 -16.53 -13.39
CA GLU A 113 -29.19 -16.39 -12.97
C GLU A 113 -29.30 -16.23 -11.47
N ILE A 114 -28.32 -16.80 -10.73
CA ILE A 114 -28.42 -16.72 -9.28
C ILE A 114 -27.10 -16.25 -8.73
N ILE A 115 -26.44 -15.41 -9.30
CA ILE A 115 -25.37 -14.60 -8.76
C ILE A 115 -25.89 -13.27 -8.34
N ASP A 116 -26.97 -12.92 -8.90
CA ASP A 116 -27.62 -11.68 -8.61
C ASP A 116 -28.24 -11.71 -7.21
N LEU A 117 -29.30 -12.49 -7.10
CA LEU A 117 -30.03 -12.67 -5.85
C LEU A 117 -29.07 -12.76 -4.74
N VAL A 118 -27.95 -13.31 -5.09
CA VAL A 118 -26.86 -13.42 -4.17
C VAL A 118 -26.25 -12.05 -3.98
N LEU A 119 -26.02 -11.38 -5.08
CA LEU A 119 -25.46 -10.04 -4.99
C LEU A 119 -26.32 -9.24 -4.02
N ASP A 120 -27.60 -9.45 -4.13
CA ASP A 120 -28.56 -8.76 -3.26
C ASP A 120 -28.38 -9.11 -1.82
N ARG A 121 -28.16 -10.35 -1.59
CA ARG A 121 -27.96 -10.83 -0.25
C ARG A 121 -26.72 -10.18 0.32
N ILE A 122 -25.67 -10.18 -0.49
CA ILE A 122 -24.39 -9.62 -0.13
C ILE A 122 -24.50 -8.16 0.20
N ARG A 123 -25.16 -7.49 -0.66
CA ARG A 123 -25.36 -6.08 -0.51
C ARG A 123 -26.04 -5.74 0.82
N LYS A 124 -27.14 -6.40 1.11
CA LYS A 124 -27.88 -6.18 2.36
C LYS A 124 -27.00 -6.50 3.50
N LEU A 125 -26.35 -7.60 3.28
CA LEU A 125 -25.41 -8.13 4.19
C LEU A 125 -24.25 -7.18 4.35
N ALA A 126 -23.87 -6.58 3.27
CA ALA A 126 -22.76 -5.65 3.27
C ALA A 126 -23.14 -4.38 3.96
N ASP A 127 -24.39 -4.26 4.32
CA ASP A 127 -24.85 -3.02 4.88
C ASP A 127 -25.13 -3.01 6.37
N GLN A 128 -25.62 -4.08 6.94
CA GLN A 128 -26.01 -4.11 8.34
C GLN A 128 -24.75 -4.13 9.12
N CYS A 129 -24.37 -2.99 9.65
CA CYS A 129 -23.17 -2.84 10.41
C CYS A 129 -22.35 -1.70 9.88
N THR A 130 -21.12 -1.67 10.23
CA THR A 130 -20.16 -0.67 9.78
C THR A 130 -18.81 -1.28 9.56
N GLY A 131 -18.08 -0.78 8.60
CA GLY A 131 -16.76 -1.26 8.23
C GLY A 131 -16.85 -2.73 7.94
N LEU A 132 -16.66 -3.07 6.69
CA LEU A 132 -16.74 -4.45 6.22
C LEU A 132 -15.37 -4.95 5.76
N GLN A 133 -14.45 -4.05 5.69
CA GLN A 133 -13.05 -4.27 5.36
C GLN A 133 -12.72 -5.72 5.15
N GLY A 134 -13.35 -6.32 4.17
CA GLY A 134 -13.03 -7.67 3.77
C GLY A 134 -14.16 -8.44 3.16
N PHE A 135 -13.73 -9.25 2.22
CA PHE A 135 -14.54 -10.20 1.49
C PHE A 135 -13.77 -11.46 1.35
N SER A 136 -14.35 -12.46 1.90
CA SER A 136 -13.76 -13.75 1.85
C SER A 136 -14.47 -14.61 0.84
N VAL A 137 -13.70 -15.34 0.08
CA VAL A 137 -14.21 -16.23 -0.93
C VAL A 137 -13.59 -17.57 -0.83
N PHE A 138 -14.27 -18.50 -0.57
CA PHE A 138 -13.76 -19.83 -0.74
C PHE A 138 -13.91 -20.25 -2.20
N HIS A 139 -12.84 -20.73 -2.79
CA HIS A 139 -12.72 -21.01 -4.23
C HIS A 139 -11.94 -22.27 -4.44
N SER A 140 -12.22 -22.88 -5.53
CA SER A 140 -11.52 -24.03 -6.04
C SER A 140 -11.03 -23.68 -7.32
N PHE A 141 -10.37 -24.59 -7.70
CA PHE A 141 -9.71 -24.60 -8.87
C PHE A 141 -10.28 -25.78 -9.60
N GLY A 142 -11.61 -25.82 -9.71
CA GLY A 142 -12.24 -26.92 -10.43
C GLY A 142 -13.74 -26.92 -10.46
N GLY A 143 -14.34 -26.35 -9.45
CA GLY A 143 -15.77 -26.48 -9.22
C GLY A 143 -16.66 -25.48 -9.82
N GLY A 144 -17.50 -25.90 -10.72
CA GLY A 144 -18.06 -24.98 -11.62
C GLY A 144 -18.44 -23.73 -10.87
N THR A 145 -19.10 -23.92 -9.74
CA THR A 145 -19.54 -22.80 -8.92
C THR A 145 -18.32 -22.00 -8.46
N GLY A 146 -17.18 -22.62 -8.62
CA GLY A 146 -15.95 -21.97 -8.22
C GLY A 146 -15.00 -21.26 -9.19
N SER A 147 -15.28 -21.54 -10.31
CA SER A 147 -14.54 -20.88 -11.38
C SER A 147 -15.35 -19.78 -11.92
N GLY A 148 -16.20 -20.04 -12.85
CA GLY A 148 -16.96 -19.05 -13.49
C GLY A 148 -17.86 -18.37 -12.47
N PHE A 149 -18.37 -19.10 -11.54
CA PHE A 149 -19.25 -18.58 -10.49
C PHE A 149 -18.46 -17.64 -9.63
N THR A 150 -17.32 -17.92 -9.40
CA THR A 150 -16.45 -17.08 -8.60
C THR A 150 -15.84 -15.99 -9.45
N SER A 151 -15.43 -16.31 -10.64
CA SER A 151 -15.04 -15.32 -11.63
C SER A 151 -16.22 -14.48 -11.91
N LEU A 152 -17.39 -14.97 -11.64
CA LEU A 152 -18.61 -14.20 -11.62
C LEU A 152 -18.72 -13.46 -10.31
N LEU A 153 -18.58 -14.07 -9.23
CA LEU A 153 -18.92 -13.53 -7.90
C LEU A 153 -17.78 -12.68 -7.44
N MET A 154 -16.56 -12.90 -7.82
CA MET A 154 -15.41 -12.04 -7.56
C MET A 154 -15.39 -10.88 -8.50
N GLU A 155 -15.90 -11.10 -9.64
CA GLU A 155 -15.81 -10.13 -10.70
C GLU A 155 -16.78 -9.04 -10.40
N ARG A 156 -18.02 -9.34 -10.13
CA ARG A 156 -19.06 -8.41 -9.74
C ARG A 156 -18.71 -7.72 -8.44
N LEU A 157 -18.11 -8.37 -7.55
CA LEU A 157 -17.78 -7.82 -6.24
C LEU A 157 -16.64 -6.82 -6.39
N SER A 158 -15.65 -7.11 -7.24
CA SER A 158 -14.56 -6.22 -7.60
C SER A 158 -15.10 -5.05 -8.31
N VAL A 159 -15.94 -5.25 -9.24
CA VAL A 159 -16.47 -4.20 -10.01
C VAL A 159 -17.29 -3.30 -9.10
N ASP A 160 -18.15 -3.87 -8.27
CA ASP A 160 -19.08 -3.16 -7.41
C ASP A 160 -18.38 -2.52 -6.20
N TYR A 161 -17.38 -3.18 -5.71
CA TYR A 161 -16.69 -2.80 -4.46
C TYR A 161 -15.18 -2.71 -4.62
N GLY A 162 -14.71 -1.85 -5.46
CA GLY A 162 -13.31 -1.71 -5.84
C GLY A 162 -12.39 -1.44 -4.72
N LYS A 163 -12.94 -0.79 -3.73
CA LYS A 163 -12.25 -0.38 -2.54
C LYS A 163 -12.15 -1.53 -1.60
N LYS A 164 -12.83 -2.53 -1.62
CA LYS A 164 -12.75 -3.56 -0.65
C LYS A 164 -12.11 -4.77 -1.28
N SER A 165 -10.85 -4.96 -0.99
CA SER A 165 -10.09 -6.05 -1.56
C SER A 165 -10.59 -7.34 -0.96
N LYS A 166 -10.57 -8.26 -1.84
CA LYS A 166 -11.31 -9.48 -1.60
C LYS A 166 -10.24 -10.34 -1.23
N LEU A 167 -10.56 -11.18 -0.42
CA LEU A 167 -9.66 -12.16 -0.10
C LEU A 167 -10.36 -13.38 -0.53
N GLU A 168 -9.67 -14.31 -1.07
CA GLU A 168 -10.30 -15.56 -1.48
C GLU A 168 -9.37 -16.63 -1.17
N PHE A 169 -9.96 -17.73 -0.89
CA PHE A 169 -9.24 -18.88 -0.56
C PHE A 169 -9.21 -19.79 -1.73
N SER A 170 -8.33 -20.68 -1.72
CA SER A 170 -8.23 -21.57 -2.82
C SER A 170 -7.87 -22.93 -2.36
N ILE A 171 -8.31 -23.85 -3.18
CA ILE A 171 -8.03 -25.25 -3.12
C ILE A 171 -7.77 -25.66 -4.57
N TYR A 172 -6.48 -25.64 -4.91
CA TYR A 172 -5.91 -25.80 -6.29
C TYR A 172 -5.47 -27.21 -6.54
N PRO A 173 -5.45 -27.62 -7.80
CA PRO A 173 -5.01 -28.91 -8.25
C PRO A 173 -3.52 -28.99 -8.12
N ALA A 174 -2.96 -30.17 -8.12
CA ALA A 174 -1.49 -30.27 -8.09
C ALA A 174 -1.01 -31.42 -8.95
N PRO A 175 -0.54 -32.42 -8.33
CA PRO A 175 -0.23 -33.61 -9.07
C PRO A 175 -1.42 -34.52 -9.10
N GLN A 176 -2.11 -34.67 -7.98
CA GLN A 176 -3.37 -35.38 -7.96
C GLN A 176 -4.50 -34.43 -7.80
N VAL A 177 -5.83 -35.07 -7.98
CA VAL A 177 -6.91 -34.16 -8.02
C VAL A 177 -8.18 -34.88 -8.44
N SER A 178 -9.06 -34.09 -8.83
CA SER A 178 -10.36 -34.54 -9.26
C SER A 178 -10.63 -33.99 -10.61
N THR A 179 -11.55 -34.60 -11.28
CA THR A 179 -11.94 -34.23 -12.59
C THR A 179 -10.90 -34.58 -13.63
N ALA A 180 -10.97 -34.38 -14.89
CA ALA A 180 -9.97 -33.97 -15.87
C ALA A 180 -10.13 -32.53 -16.18
N VAL A 181 -11.21 -32.02 -15.76
CA VAL A 181 -11.58 -30.72 -16.18
C VAL A 181 -10.60 -29.69 -15.65
N VAL A 182 -10.06 -30.05 -14.34
CA VAL A 182 -9.37 -29.08 -13.50
C VAL A 182 -7.98 -28.79 -14.07
N GLU A 183 -7.30 -29.47 -14.89
CA GLU A 183 -6.06 -28.88 -15.40
C GLU A 183 -6.40 -27.69 -16.18
N PRO A 184 -6.49 -27.31 -17.33
CA PRO A 184 -7.49 -26.32 -17.34
C PRO A 184 -8.87 -26.62 -17.16
N TYR A 185 -9.22 -25.59 -16.49
CA TYR A 185 -10.48 -25.23 -15.98
C TYR A 185 -10.24 -24.16 -14.92
N ASN A 186 -9.43 -24.46 -13.97
CA ASN A 186 -9.15 -23.55 -12.87
C ASN A 186 -8.38 -22.34 -13.37
N SER A 187 -7.83 -22.51 -14.50
CA SER A 187 -7.11 -21.67 -15.44
C SER A 187 -7.97 -20.52 -15.80
N ILE A 188 -9.29 -21.18 -16.22
CA ILE A 188 -10.31 -20.23 -16.48
C ILE A 188 -10.66 -19.45 -15.22
N LEU A 189 -10.85 -20.15 -14.15
CA LEU A 189 -11.19 -19.52 -12.89
C LEU A 189 -10.06 -18.60 -12.47
N THR A 190 -8.83 -18.85 -12.90
CA THR A 190 -7.66 -18.01 -12.67
C THR A 190 -7.69 -16.85 -13.60
N THR A 191 -8.04 -16.69 -14.59
CA THR A 191 -8.05 -15.50 -15.37
C THR A 191 -8.75 -14.36 -14.63
N HIS A 192 -10.02 -14.60 -14.50
CA HIS A 192 -11.06 -13.78 -13.89
C HIS A 192 -10.66 -13.04 -12.59
N THR A 193 -10.36 -13.78 -11.50
CA THR A 193 -9.92 -13.09 -10.23
C THR A 193 -8.89 -12.10 -10.75
N THR A 194 -7.96 -12.29 -10.78
CA THR A 194 -7.04 -11.51 -11.61
C THR A 194 -7.59 -10.15 -11.72
N LEU A 195 -7.65 -9.72 -12.87
CA LEU A 195 -7.90 -8.35 -13.15
C LEU A 195 -9.35 -8.05 -12.89
N GLU A 196 -10.29 -9.01 -12.76
CA GLU A 196 -11.63 -8.66 -12.33
C GLU A 196 -11.53 -7.97 -10.99
N HIS A 197 -10.55 -8.25 -10.34
CA HIS A 197 -10.52 -8.03 -8.92
C HIS A 197 -10.15 -9.31 -8.29
N SER A 198 -10.06 -8.96 -6.92
CA SER A 198 -9.36 -9.83 -6.06
C SER A 198 -8.26 -9.08 -5.41
N ASP A 199 -7.86 -9.63 -4.37
CA ASP A 199 -6.74 -9.17 -3.65
C ASP A 199 -5.92 -10.36 -3.46
N CYS A 200 -5.32 -10.36 -2.35
CA CYS A 200 -4.54 -11.48 -1.99
C CYS A 200 -5.45 -12.67 -1.78
N ALA A 201 -4.90 -13.70 -2.14
CA ALA A 201 -5.53 -14.99 -2.10
C ALA A 201 -4.68 -15.91 -1.33
N PHE A 202 -5.26 -16.98 -0.97
CA PHE A 202 -4.60 -17.96 -0.22
C PHE A 202 -5.02 -19.32 -0.73
N MET A 203 -4.21 -20.24 -0.45
CA MET A 203 -4.58 -21.58 -0.83
C MET A 203 -4.16 -22.52 0.23
N VAL A 204 -5.00 -23.60 0.13
CA VAL A 204 -4.60 -24.87 0.61
C VAL A 204 -4.41 -25.83 -0.55
N ASP A 205 -3.35 -26.27 -0.75
CA ASP A 205 -3.00 -27.30 -1.73
C ASP A 205 -3.39 -28.61 -1.14
N ASN A 206 -4.32 -29.26 -1.76
CA ASN A 206 -4.87 -30.49 -1.25
C ASN A 206 -3.89 -31.57 -1.30
N GLU A 207 -2.91 -31.42 -2.15
CA GLU A 207 -1.86 -32.36 -2.31
C GLU A 207 -0.73 -32.02 -1.40
N ALA A 208 -0.69 -30.90 -0.80
CA ALA A 208 0.22 -30.39 0.21
C ALA A 208 -0.29 -30.76 1.59
N ILE A 209 -1.55 -30.67 1.87
CA ILE A 209 -2.23 -30.88 3.14
C ILE A 209 -2.10 -32.30 3.54
N TYR A 210 -2.52 -33.20 2.69
CA TYR A 210 -2.49 -34.61 2.92
C TYR A 210 -1.07 -35.06 2.95
N ASP A 211 -0.17 -34.16 2.64
CA ASP A 211 1.23 -34.42 2.67
C ASP A 211 1.74 -34.02 4.00
N ILE A 212 1.41 -32.85 4.41
CA ILE A 212 1.81 -32.37 5.70
C ILE A 212 1.19 -33.23 6.78
N CYS A 213 0.19 -33.98 6.43
CA CYS A 213 -0.52 -34.81 7.39
C CYS A 213 0.18 -36.09 7.52
N ARG A 214 1.03 -36.34 6.57
CA ARG A 214 1.75 -37.55 6.47
C ARG A 214 3.21 -37.34 6.84
N ARG A 215 3.70 -36.12 6.79
CA ARG A 215 5.09 -35.78 7.15
C ARG A 215 5.08 -35.02 8.48
N ASN A 216 4.06 -34.36 8.91
CA ASN A 216 4.09 -33.55 10.12
C ASN A 216 3.10 -34.06 11.15
N LEU A 217 2.09 -34.36 10.91
CA LEU A 217 1.17 -34.96 11.87
C LEU A 217 1.18 -36.44 11.66
N ASP A 218 0.08 -37.11 11.87
CA ASP A 218 0.02 -38.53 11.66
C ASP A 218 -1.30 -38.80 10.97
N ILE A 219 -1.72 -39.27 10.40
CA ILE A 219 -2.85 -40.10 10.03
C ILE A 219 -2.92 -40.19 8.55
N GLU A 220 -2.16 -41.03 7.91
CA GLU A 220 -2.20 -41.16 6.47
C GLU A 220 -3.58 -41.51 5.98
N ARG A 221 -4.42 -42.16 6.77
CA ARG A 221 -5.75 -42.57 6.38
C ARG A 221 -6.69 -41.50 6.13
N PRO A 222 -6.73 -40.42 6.21
CA PRO A 222 -7.41 -39.26 6.69
C PRO A 222 -8.42 -38.88 5.66
N THR A 223 -9.39 -38.15 6.16
CA THR A 223 -10.46 -37.74 5.35
C THR A 223 -10.32 -36.27 5.10
N TYR A 224 -10.89 -35.87 4.02
CA TYR A 224 -10.92 -34.49 3.64
C TYR A 224 -11.54 -33.71 4.82
N THR A 225 -12.47 -34.38 5.53
CA THR A 225 -13.16 -33.78 6.70
C THR A 225 -12.15 -33.33 7.70
N ASN A 226 -10.95 -33.76 7.47
CA ASN A 226 -9.88 -33.43 8.36
C ASN A 226 -8.92 -32.43 7.71
N LEU A 227 -8.83 -32.49 6.41
CA LEU A 227 -7.95 -31.61 5.65
C LEU A 227 -8.52 -30.25 5.70
N ASN A 228 -9.77 -30.16 5.98
CA ASN A 228 -10.40 -28.89 6.06
C ASN A 228 -9.95 -28.20 7.31
N ARG A 229 -9.51 -28.87 8.25
CA ARG A 229 -9.10 -28.21 9.44
C ARG A 229 -7.77 -27.61 9.31
N LEU A 230 -7.00 -28.22 8.50
CA LEU A 230 -5.67 -27.66 8.21
C LEU A 230 -5.82 -26.40 7.47
N ILE A 231 -6.74 -26.36 6.59
CA ILE A 231 -7.01 -25.20 5.81
C ILE A 231 -7.94 -24.33 6.61
N GLY A 232 -8.85 -24.90 7.40
CA GLY A 232 -9.74 -24.11 8.23
C GLY A 232 -9.04 -23.25 9.12
N GLN A 233 -8.05 -23.85 9.61
CA GLN A 233 -7.28 -23.10 10.58
C GLN A 233 -6.52 -21.98 9.90
N ILE A 234 -6.18 -21.98 8.80
CA ILE A 234 -5.40 -20.94 8.16
C ILE A 234 -6.11 -19.63 8.34
N VAL A 235 -7.40 -19.70 8.18
CA VAL A 235 -8.24 -18.55 8.27
C VAL A 235 -8.27 -17.94 9.65
N SER A 236 -8.55 -18.77 10.61
CA SER A 236 -8.63 -18.35 12.01
C SER A 236 -7.47 -17.42 12.31
N SER A 237 -6.34 -17.74 11.72
CA SER A 237 -5.14 -16.93 11.88
C SER A 237 -5.24 -15.64 11.15
N ILE A 238 -5.72 -15.74 9.94
CA ILE A 238 -5.81 -14.60 9.09
C ILE A 238 -6.86 -13.62 9.60
N THR A 239 -8.08 -14.07 9.86
CA THR A 239 -9.15 -13.18 10.31
C THR A 239 -9.37 -13.15 11.83
N ALA A 240 -9.59 -14.27 12.44
CA ALA A 240 -9.89 -14.27 13.88
C ALA A 240 -8.79 -13.57 14.66
N SER A 241 -7.57 -13.73 14.18
CA SER A 241 -6.40 -13.17 14.85
C SER A 241 -6.21 -11.71 14.62
N LEU A 242 -6.04 -11.38 13.38
CA LEU A 242 -5.83 -10.01 13.05
C LEU A 242 -7.09 -9.24 13.41
N ARG A 243 -8.24 -9.93 13.55
CA ARG A 243 -9.51 -9.35 13.82
C ARG A 243 -9.83 -9.30 15.29
N PHE A 244 -8.93 -9.70 16.09
CA PHE A 244 -9.09 -9.72 17.54
C PHE A 244 -7.94 -8.95 18.19
N ASP A 245 -8.23 -8.43 19.39
CA ASP A 245 -7.35 -7.51 20.14
C ASP A 245 -6.02 -8.06 20.53
N GLY A 246 -4.95 -7.41 20.10
CA GLY A 246 -3.61 -7.85 20.40
C GLY A 246 -2.52 -6.87 19.99
N ALA A 247 -1.32 -7.36 19.98
CA ALA A 247 -0.09 -6.62 19.62
C ALA A 247 0.29 -6.86 18.15
N LEU A 248 0.68 -5.78 17.55
CA LEU A 248 0.96 -5.65 16.11
C LEU A 248 -0.13 -6.37 15.38
N ASN A 249 -1.01 -5.62 14.85
CA ASN A 249 -2.16 -6.20 14.22
C ASN A 249 -2.25 -5.76 12.80
N VAL A 250 -2.43 -6.75 11.96
CA VAL A 250 -2.59 -6.58 10.55
C VAL A 250 -4.02 -6.83 10.22
N ASP A 251 -4.58 -5.88 9.62
CA ASP A 251 -5.95 -6.01 9.24
C ASP A 251 -5.99 -6.59 7.85
N LEU A 252 -7.16 -6.70 7.34
CA LEU A 252 -7.32 -7.23 6.01
C LEU A 252 -6.65 -6.32 4.99
N THR A 253 -6.34 -5.12 5.41
CA THR A 253 -5.68 -4.17 4.50
C THR A 253 -4.21 -4.13 4.70
N GLU A 254 -3.85 -4.88 5.65
CA GLU A 254 -2.46 -5.14 5.83
C GLU A 254 -2.01 -6.31 4.99
N PHE A 255 -3.02 -7.19 4.82
CA PHE A 255 -2.82 -8.41 4.04
C PHE A 255 -2.58 -8.14 2.55
N GLN A 256 -3.30 -7.20 2.06
CA GLN A 256 -3.24 -6.84 0.64
C GLN A 256 -1.87 -6.34 0.20
N THR A 257 -1.34 -5.46 1.00
CA THR A 257 -0.07 -4.79 0.69
C THR A 257 1.12 -5.55 1.06
N ASN A 258 0.98 -6.36 2.03
CA ASN A 258 2.12 -7.11 2.38
C ASN A 258 2.24 -8.28 1.49
N LEU A 259 1.25 -8.64 0.90
CA LEU A 259 1.48 -9.74 -0.01
C LEU A 259 1.67 -9.24 -1.43
N VAL A 260 1.06 -8.26 -1.60
CA VAL A 260 0.99 -7.85 -2.97
C VAL A 260 2.25 -7.06 -3.35
N PRO A 261 3.05 -7.55 -4.33
CA PRO A 261 4.31 -6.93 -4.62
C PRO A 261 4.28 -6.21 -5.92
N TYR A 262 3.36 -6.62 -6.71
CA TYR A 262 3.00 -5.97 -7.93
C TYR A 262 1.58 -6.44 -8.21
N PRO A 263 0.93 -6.07 -9.27
CA PRO A 263 -0.48 -6.08 -9.35
C PRO A 263 -1.14 -7.20 -10.11
N ARG A 264 -0.49 -8.24 -10.49
CA ARG A 264 -1.26 -9.32 -11.12
C ARG A 264 -1.55 -10.34 -10.06
N ALA A 265 -2.69 -10.12 -9.45
CA ALA A 265 -3.25 -10.83 -8.33
C ALA A 265 -2.31 -11.73 -7.79
N HIS A 266 -2.10 -11.58 -6.54
CA HIS A 266 -1.16 -12.42 -6.04
C HIS A 266 -1.57 -13.14 -4.86
N PHE A 267 -0.93 -14.18 -5.14
CA PHE A 267 -0.98 -15.41 -4.54
C PHE A 267 -0.08 -15.61 -3.39
N PRO A 268 -0.35 -16.53 -2.51
CA PRO A 268 0.24 -16.59 -1.22
C PRO A 268 0.20 -17.96 -0.79
N LEU A 269 0.98 -18.24 0.13
CA LEU A 269 1.05 -19.52 0.74
C LEU A 269 0.78 -19.37 2.24
N ALA A 270 0.29 -20.49 2.86
CA ALA A 270 -0.13 -20.58 4.26
C ALA A 270 0.62 -21.67 4.91
N THR A 271 1.28 -21.34 5.95
CA THR A 271 2.00 -22.28 6.71
C THR A 271 1.46 -22.21 8.16
N TYR A 272 1.16 -23.32 8.73
CA TYR A 272 0.75 -23.36 10.13
C TYR A 272 1.70 -24.22 10.78
N ALA A 273 2.54 -23.64 11.53
CA ALA A 273 3.57 -24.38 12.11
C ALA A 273 3.08 -25.19 13.28
N PRO A 274 2.16 -24.91 14.06
CA PRO A 274 1.65 -25.66 15.16
C PRO A 274 0.79 -26.74 14.65
N VAL A 275 0.90 -27.89 14.76
CA VAL A 275 0.49 -29.02 13.95
C VAL A 275 0.85 -30.30 14.62
N ILE A 276 1.16 -30.03 15.92
CA ILE A 276 1.60 -31.14 16.69
C ILE A 276 0.57 -32.25 16.83
N SER A 277 1.08 -33.40 17.00
CA SER A 277 0.28 -34.61 17.06
C SER A 277 -0.56 -34.62 18.34
N ALA A 278 -1.55 -35.33 18.26
CA ALA A 278 -2.11 -35.97 19.44
C ALA A 278 -1.16 -36.99 19.92
N GLU A 279 -0.24 -37.41 19.07
CA GLU A 279 0.68 -38.43 19.41
C GLU A 279 2.06 -37.83 19.58
N LYS A 280 2.16 -36.57 19.79
CA LYS A 280 3.45 -35.90 19.94
C LYS A 280 3.73 -35.77 21.41
N ALA A 281 4.32 -35.00 21.97
CA ALA A 281 5.33 -34.74 22.96
C ALA A 281 6.29 -33.78 22.45
N TYR A 282 5.74 -32.74 22.06
CA TYR A 282 6.57 -31.68 21.73
C TYR A 282 7.30 -31.40 23.01
N HIS A 283 8.55 -31.43 22.84
CA HIS A 283 9.60 -31.10 23.74
C HIS A 283 9.07 -30.22 24.88
N GLU A 284 8.23 -30.57 25.65
CA GLU A 284 6.99 -30.44 26.42
C GLU A 284 6.14 -29.45 25.75
N GLN A 285 6.75 -28.47 25.18
CA GLN A 285 6.10 -27.45 24.46
C GLN A 285 7.01 -27.23 23.29
N LEU A 286 6.52 -26.73 22.30
CA LEU A 286 7.35 -26.57 21.10
C LEU A 286 7.89 -25.17 21.09
N SER A 287 9.09 -25.03 20.71
CA SER A 287 9.71 -23.76 20.99
C SER A 287 9.05 -22.69 20.23
N VAL A 288 8.85 -21.59 20.85
CA VAL A 288 8.07 -20.65 20.17
C VAL A 288 8.70 -20.32 18.84
N ALA A 289 9.94 -19.81 18.82
CA ALA A 289 10.53 -19.31 17.61
C ALA A 289 10.88 -20.42 16.65
N GLU A 290 10.91 -21.65 17.08
CA GLU A 290 11.12 -22.68 16.10
C GLU A 290 9.98 -22.80 15.16
N ILE A 291 8.95 -22.09 15.80
CA ILE A 291 7.70 -22.10 15.12
C ILE A 291 7.87 -21.38 13.81
N THR A 292 8.61 -20.31 13.87
CA THR A 292 8.94 -19.58 12.66
C THR A 292 9.58 -20.42 11.58
N ASN A 293 10.48 -21.15 11.95
CA ASN A 293 11.17 -22.05 11.02
C ASN A 293 10.19 -23.04 10.46
N ALA A 294 9.29 -23.53 11.37
CA ALA A 294 8.20 -24.46 11.01
C ALA A 294 7.63 -23.91 9.76
N CYS A 295 7.35 -22.61 9.84
CA CYS A 295 6.95 -22.04 8.60
C CYS A 295 7.71 -22.32 7.38
N PHE A 296 8.87 -21.91 7.34
CA PHE A 296 9.61 -22.10 6.15
C PHE A 296 9.70 -23.54 5.78
N GLU A 297 9.78 -24.36 6.74
CA GLU A 297 9.88 -25.73 6.30
C GLU A 297 8.95 -26.02 5.17
N PRO A 298 9.90 -26.35 4.16
CA PRO A 298 9.02 -26.70 3.11
C PRO A 298 7.90 -27.51 3.65
N ALA A 299 7.91 -28.30 4.73
CA ALA A 299 6.98 -29.30 5.23
C ALA A 299 5.67 -28.70 5.66
N ASN A 300 5.48 -27.63 6.39
CA ASN A 300 4.16 -27.15 6.73
C ASN A 300 3.44 -26.73 5.57
N GLN A 301 4.21 -26.45 4.60
CA GLN A 301 3.75 -25.92 3.40
C GLN A 301 2.50 -26.62 2.95
N MET A 302 1.54 -25.81 2.72
CA MET A 302 0.24 -26.27 2.29
C MET A 302 0.28 -26.79 0.86
N VAL A 303 0.99 -26.08 0.02
CA VAL A 303 1.06 -26.41 -1.41
C VAL A 303 2.35 -27.09 -1.80
N LYS A 304 2.37 -27.59 -3.00
CA LYS A 304 3.51 -28.20 -3.62
C LYS A 304 4.35 -27.21 -4.40
N CYS A 305 4.48 -26.18 -3.69
CA CYS A 305 5.22 -25.09 -4.19
C CYS A 305 6.59 -25.18 -3.66
N ASP A 306 7.42 -25.80 -4.46
CA ASP A 306 8.81 -25.98 -4.14
C ASP A 306 9.52 -24.66 -4.04
N PRO A 307 9.68 -24.18 -2.83
CA PRO A 307 10.33 -22.94 -2.58
C PRO A 307 11.70 -23.01 -3.10
N ARG A 308 12.08 -24.23 -3.26
CA ARG A 308 13.37 -24.54 -3.81
C ARG A 308 13.66 -23.59 -4.89
N HIS A 309 12.62 -23.37 -5.59
CA HIS A 309 12.69 -22.46 -6.65
C HIS A 309 12.46 -21.08 -6.15
N GLY A 310 13.46 -20.31 -6.48
CA GLY A 310 13.46 -18.89 -6.36
C GLY A 310 13.51 -18.29 -4.99
N LYS A 311 13.21 -17.05 -5.01
CA LYS A 311 13.19 -16.17 -3.88
C LYS A 311 11.81 -15.79 -3.46
N TYR A 312 11.48 -16.04 -2.22
CA TYR A 312 10.23 -15.60 -1.72
C TYR A 312 10.13 -14.22 -2.17
N MET A 313 9.06 -13.70 -1.78
CA MET A 313 8.75 -12.36 -2.00
C MET A 313 8.23 -11.84 -0.69
N ALA A 314 6.98 -11.64 -0.65
CA ALA A 314 6.30 -11.19 0.53
C ALA A 314 6.02 -12.27 1.48
N CYS A 315 6.45 -11.97 2.67
CA CYS A 315 6.33 -12.86 3.76
C CYS A 315 5.62 -12.23 4.93
N CYS A 316 4.44 -12.73 5.11
CA CYS A 316 3.60 -12.31 6.19
C CYS A 316 3.28 -13.38 7.16
N LEU A 317 3.85 -13.17 8.31
CA LEU A 317 3.71 -14.10 9.40
C LEU A 317 2.92 -13.55 10.58
N LEU A 318 1.97 -14.38 10.97
CA LEU A 318 1.03 -14.13 12.06
C LEU A 318 1.14 -15.12 13.17
N TYR A 319 1.69 -14.62 14.25
CA TYR A 319 1.90 -15.38 15.44
C TYR A 319 0.86 -15.12 16.51
N ARG A 320 0.39 -16.17 17.10
CA ARG A 320 -0.67 -16.07 18.11
C ARG A 320 -0.54 -17.03 19.22
N GLY A 321 -0.61 -16.42 20.38
CA GLY A 321 -0.65 -17.05 21.65
C GLY A 321 0.71 -17.19 22.25
N ASP A 322 0.83 -16.58 23.40
CA ASP A 322 2.00 -16.66 24.23
C ASP A 322 3.30 -16.42 23.48
N VAL A 323 3.23 -15.68 22.44
CA VAL A 323 4.42 -15.32 21.65
C VAL A 323 5.08 -14.17 22.33
N VAL A 324 6.34 -14.11 22.11
CA VAL A 324 7.17 -13.14 22.73
C VAL A 324 7.75 -12.21 21.70
N PRO A 325 7.84 -10.95 22.06
CA PRO A 325 8.32 -9.95 21.16
C PRO A 325 9.70 -10.22 20.72
N LYS A 326 10.44 -10.67 21.64
CA LYS A 326 11.83 -10.97 21.41
C LYS A 326 11.96 -12.28 20.69
N ASP A 327 10.84 -12.91 20.48
CA ASP A 327 10.78 -14.16 19.78
C ASP A 327 10.68 -13.90 18.30
N VAL A 328 9.97 -12.88 18.02
CA VAL A 328 9.74 -12.49 16.65
C VAL A 328 10.94 -11.74 16.06
N ASN A 329 11.26 -10.66 16.69
CA ASN A 329 12.36 -9.80 16.24
C ASN A 329 13.65 -10.54 16.19
N ALA A 330 13.71 -11.48 17.05
CA ALA A 330 14.89 -12.26 17.20
C ALA A 330 14.78 -13.62 16.53
N ALA A 331 13.64 -14.11 16.17
CA ALA A 331 13.61 -15.39 15.47
C ALA A 331 13.39 -15.17 14.00
N ILE A 332 12.76 -14.08 13.74
CA ILE A 332 12.49 -13.71 12.40
C ILE A 332 13.78 -13.25 11.71
N ALA A 333 14.69 -12.81 12.52
CA ALA A 333 15.99 -12.38 12.03
C ALA A 333 16.73 -13.57 11.47
N THR A 334 16.65 -14.60 12.22
CA THR A 334 17.34 -15.83 11.93
C THR A 334 17.10 -16.37 10.52
N ILE A 335 15.88 -16.29 10.11
CA ILE A 335 15.47 -16.78 8.80
C ILE A 335 16.19 -16.02 7.74
N LYS A 336 16.19 -14.80 8.00
CA LYS A 336 17.00 -13.91 7.17
C LYS A 336 18.45 -13.94 7.57
N THR A 337 18.77 -15.17 7.70
CA THR A 337 20.06 -15.51 8.12
C THR A 337 20.47 -16.79 7.48
N LYS A 338 19.54 -17.55 7.04
CA LYS A 338 19.91 -18.69 6.28
C LYS A 338 20.12 -18.22 4.88
N ARG A 339 20.60 -19.07 4.04
CA ARG A 339 20.86 -18.76 2.65
C ARG A 339 19.62 -18.75 2.03
N THR A 340 18.97 -19.68 2.53
CA THR A 340 17.70 -20.06 2.00
C THR A 340 16.58 -19.44 2.78
N ILE A 341 16.15 -18.59 1.98
CA ILE A 341 14.96 -17.85 2.04
C ILE A 341 15.11 -17.00 0.85
N GLN A 342 16.31 -16.67 0.50
CA GLN A 342 16.57 -16.03 -0.76
C GLN A 342 15.54 -15.03 -1.08
N PHE A 343 15.18 -14.18 -0.18
CA PHE A 343 14.26 -13.21 -0.54
C PHE A 343 14.81 -12.48 -1.73
N VAL A 344 13.86 -12.07 -2.38
CA VAL A 344 13.89 -11.32 -3.58
C VAL A 344 14.88 -10.16 -3.51
N ASP A 345 15.00 -9.52 -4.65
CA ASP A 345 15.93 -8.41 -4.87
C ASP A 345 15.40 -7.08 -4.26
N TRP A 346 14.09 -7.02 -4.01
CA TRP A 346 13.34 -5.86 -3.47
C TRP A 346 12.37 -6.25 -2.41
N CYS A 347 12.98 -6.70 -1.52
CA CYS A 347 12.26 -7.09 -0.30
C CYS A 347 12.80 -6.32 0.88
N PRO A 348 12.55 -5.77 1.54
CA PRO A 348 13.11 -4.83 2.46
C PRO A 348 12.70 -5.21 3.83
N THR A 349 13.49 -6.08 4.38
CA THR A 349 13.23 -6.64 5.69
C THR A 349 11.94 -7.43 5.69
N GLY A 350 11.68 -8.03 4.51
CA GLY A 350 10.46 -8.75 4.29
C GLY A 350 10.28 -9.70 5.42
N PHE A 351 9.71 -9.28 6.05
CA PHE A 351 8.84 -10.07 6.93
C PHE A 351 7.89 -9.17 7.70
N LYS A 352 6.64 -9.50 7.57
CA LYS A 352 5.60 -8.83 8.32
C LYS A 352 5.04 -9.67 9.45
N VAL A 353 5.13 -9.25 10.65
CA VAL A 353 4.79 -10.13 11.75
C VAL A 353 3.72 -9.55 12.65
N GLY A 354 2.73 -10.35 12.93
CA GLY A 354 1.62 -10.00 13.83
C GLY A 354 1.51 -10.98 14.94
N ILE A 355 1.07 -10.54 16.04
CA ILE A 355 0.82 -11.33 17.20
C ILE A 355 -0.67 -11.35 17.56
N ASN A 356 -1.32 -12.34 17.83
CA ASN A 356 -2.70 -12.35 18.19
C ASN A 356 -2.99 -13.20 19.36
N TYR A 357 -4.10 -12.95 20.08
CA TYR A 357 -4.54 -13.72 21.20
C TYR A 357 -6.00 -14.06 21.14
N GLU A 358 -6.51 -15.07 21.76
CA GLU A 358 -5.86 -16.02 22.57
C GLU A 358 -5.18 -17.05 21.70
N PRO A 359 -4.45 -17.61 22.04
CA PRO A 359 -3.95 -18.93 21.88
C PRO A 359 -4.31 -19.58 20.57
N PRO A 360 -3.86 -20.79 20.43
CA PRO A 360 -4.27 -21.58 19.28
C PRO A 360 -5.58 -22.31 19.54
N THR A 361 -6.70 -21.87 18.83
CA THR A 361 -7.86 -22.63 19.26
C THR A 361 -7.75 -24.05 18.82
N VAL A 362 -8.60 -24.88 19.34
CA VAL A 362 -8.57 -26.27 19.03
C VAL A 362 -9.83 -26.96 19.49
N VAL A 363 -10.07 -28.07 18.89
CA VAL A 363 -11.21 -28.91 19.22
C VAL A 363 -10.95 -30.32 18.83
N PRO A 364 -11.02 -31.37 19.83
CA PRO A 364 -11.11 -32.73 19.35
C PRO A 364 -9.76 -33.28 18.96
N GLY A 365 -9.70 -34.59 18.74
CA GLY A 365 -8.46 -35.25 18.47
C GLY A 365 -7.92 -34.98 17.09
N GLY A 366 -8.82 -34.80 16.17
CA GLY A 366 -8.46 -34.53 14.77
C GLY A 366 -7.77 -33.20 14.74
N ASP A 367 -7.99 -32.31 15.85
CA ASP A 367 -7.47 -31.00 15.83
C ASP A 367 -6.01 -30.95 16.13
N LEU A 368 -5.04 -31.56 16.32
CA LEU A 368 -3.77 -31.55 16.96
C LEU A 368 -3.60 -30.35 17.87
N ALA A 369 -2.49 -30.35 18.63
CA ALA A 369 -2.10 -29.95 19.95
C ALA A 369 -3.28 -29.55 20.81
N LYS A 370 -2.72 -28.66 21.72
CA LYS A 370 -2.96 -27.41 22.37
C LYS A 370 -1.69 -26.59 22.44
N VAL A 371 -1.27 -26.15 21.27
CA VAL A 371 0.00 -25.48 21.04
C VAL A 371 -0.12 -24.01 21.23
N GLN A 372 0.68 -23.64 21.73
CA GLN A 372 0.47 -22.39 22.40
C GLN A 372 1.36 -21.33 21.81
N ARG A 373 1.67 -21.53 20.58
CA ARG A 373 2.57 -20.69 19.87
C ARG A 373 2.29 -21.04 18.37
N ALA A 374 1.98 -20.05 17.57
CA ALA A 374 1.60 -20.28 16.14
C ALA A 374 2.44 -19.47 15.17
N VAL A 375 2.64 -20.03 13.87
CA VAL A 375 3.21 -19.32 12.74
C VAL A 375 2.34 -19.53 11.55
N CYS A 376 1.98 -18.42 11.01
CA CYS A 376 1.26 -18.50 9.78
C CYS A 376 2.11 -17.79 8.75
N MET A 377 2.49 -18.49 7.74
CA MET A 377 3.30 -17.87 6.69
C MET A 377 2.43 -17.67 5.53
N LEU A 378 2.21 -16.52 5.31
CA LEU A 378 1.59 -16.19 4.08
C LEU A 378 2.63 -15.60 3.12
N SER A 379 3.07 -16.22 2.02
CA SER A 379 4.20 -15.67 1.25
C SER A 379 3.90 -15.73 -0.22
N ASN A 380 4.55 -14.90 -0.68
CA ASN A 380 4.59 -14.84 -2.12
C ASN A 380 5.95 -15.21 -2.68
N THR A 381 6.14 -16.35 -2.98
CA THR A 381 7.41 -16.77 -3.55
C THR A 381 7.25 -17.19 -4.99
N THR A 382 8.44 -17.11 -5.71
CA THR A 382 8.59 -17.44 -7.13
C THR A 382 7.89 -18.74 -7.42
N ALA A 383 7.89 -19.65 -6.52
CA ALA A 383 7.26 -20.91 -6.75
C ALA A 383 5.93 -20.79 -7.40
N ILE A 384 5.14 -20.16 -6.76
CA ILE A 384 3.82 -20.20 -7.32
C ILE A 384 3.89 -20.28 -8.83
N ALA A 385 5.12 -19.62 -9.11
CA ALA A 385 5.42 -19.35 -10.49
C ALA A 385 5.50 -20.61 -11.31
N GLU A 386 5.55 -21.73 -10.64
CA GLU A 386 5.75 -22.99 -11.34
C GLU A 386 4.48 -23.81 -11.31
N ALA A 387 3.62 -23.69 -10.19
CA ALA A 387 2.39 -24.48 -10.15
C ALA A 387 1.46 -24.01 -11.19
N TRP A 388 1.52 -22.76 -11.52
CA TRP A 388 0.66 -22.36 -12.58
C TRP A 388 1.18 -22.92 -13.90
N ALA A 389 2.48 -23.16 -13.98
CA ALA A 389 3.10 -23.78 -15.16
C ALA A 389 2.52 -25.14 -15.35
N ARG A 390 2.48 -25.80 -14.27
CA ARG A 390 1.93 -27.12 -14.16
C ARG A 390 0.55 -27.23 -14.79
N LEU A 391 -0.28 -26.24 -14.47
CA LEU A 391 -1.65 -26.15 -14.89
C LEU A 391 -1.66 -25.74 -16.34
N ASP A 392 -0.76 -25.01 -16.77
CA ASP A 392 -0.42 -24.55 -18.10
C ASP A 392 0.21 -25.66 -18.89
N HIS A 393 1.04 -26.56 -18.47
CA HIS A 393 1.30 -27.74 -19.28
C HIS A 393 0.04 -28.53 -19.50
N LYS A 394 -0.82 -28.57 -18.50
CA LYS A 394 -2.05 -29.35 -18.58
C LYS A 394 -2.98 -28.80 -19.59
N PHE A 395 -3.11 -27.50 -19.55
CA PHE A 395 -3.97 -26.73 -20.34
C PHE A 395 -3.57 -26.75 -21.84
N ASP A 396 -2.30 -26.45 -22.13
CA ASP A 396 -1.70 -26.43 -23.51
C ASP A 396 -2.09 -27.77 -23.98
N LEU A 397 -2.48 -28.79 -23.36
CA LEU A 397 -2.70 -30.12 -23.89
C LEU A 397 -4.09 -30.62 -23.51
N MET A 398 -4.84 -30.04 -22.60
CA MET A 398 -6.03 -30.73 -22.09
C MET A 398 -7.25 -30.10 -22.62
N TYR A 399 -7.11 -28.82 -22.83
CA TYR A 399 -8.20 -28.03 -23.26
C TYR A 399 -7.99 -27.45 -24.61
N ALA A 400 -6.89 -26.82 -24.78
CA ALA A 400 -6.62 -26.21 -26.02
C ALA A 400 -5.96 -27.16 -27.01
N LYS A 401 -4.90 -27.70 -26.62
CA LYS A 401 -4.10 -28.61 -27.44
C LYS A 401 -4.97 -29.43 -28.37
N ARG A 402 -5.91 -30.15 -27.84
CA ARG A 402 -6.77 -31.00 -28.62
C ARG A 402 -8.21 -30.90 -28.12
N ALA A 403 -9.16 -30.39 -28.03
CA ALA A 403 -9.76 -29.55 -27.00
C ALA A 403 -10.78 -30.34 -26.19
N PHE A 404 -10.82 -30.03 -24.89
CA PHE A 404 -11.82 -30.70 -24.08
C PHE A 404 -13.06 -29.92 -23.88
N VAL A 405 -13.04 -28.86 -24.63
CA VAL A 405 -14.28 -28.08 -24.60
C VAL A 405 -15.25 -28.51 -25.63
N HIS A 406 -16.17 -28.99 -25.58
CA HIS A 406 -17.49 -29.33 -25.98
C HIS A 406 -18.45 -29.52 -24.90
N TRP A 407 -18.01 -29.74 -23.78
CA TRP A 407 -18.93 -29.60 -22.73
C TRP A 407 -19.10 -28.12 -22.58
N TYR A 408 -18.08 -27.52 -22.06
CA TYR A 408 -17.95 -26.10 -21.75
C TYR A 408 -18.57 -25.13 -22.76
N VAL A 409 -18.30 -25.21 -24.08
CA VAL A 409 -18.81 -24.23 -25.07
C VAL A 409 -20.30 -24.05 -24.88
N GLY A 410 -20.83 -25.55 -24.78
CA GLY A 410 -22.27 -25.77 -24.47
C GLY A 410 -22.83 -24.69 -23.56
N GLU A 411 -22.06 -24.21 -22.58
CA GLU A 411 -22.54 -23.33 -21.52
C GLU A 411 -22.17 -21.94 -21.92
N GLY A 412 -21.38 -21.63 -22.88
CA GLY A 412 -21.04 -20.24 -23.11
C GLY A 412 -19.75 -20.12 -23.91
N MET A 413 -18.94 -19.15 -23.96
CA MET A 413 -18.10 -18.51 -24.96
C MET A 413 -16.92 -19.37 -25.33
N GLU A 414 -16.43 -19.31 -26.51
CA GLU A 414 -15.32 -20.08 -27.04
C GLU A 414 -14.21 -19.17 -27.57
N GLU A 415 -13.02 -19.70 -27.62
CA GLU A 415 -11.88 -19.08 -28.30
C GLU A 415 -11.34 -17.94 -27.46
N GLY A 416 -11.62 -17.43 -26.62
CA GLY A 416 -11.20 -16.89 -25.40
C GLY A 416 -12.08 -17.36 -24.33
N GLU A 417 -11.84 -17.52 -23.44
CA GLU A 417 -12.32 -17.96 -22.12
C GLU A 417 -11.35 -18.96 -21.79
N PHE A 418 -10.80 -19.35 -22.92
CA PHE A 418 -9.82 -20.32 -23.09
C PHE A 418 -8.52 -19.71 -23.59
N SER A 419 -8.56 -19.12 -24.74
CA SER A 419 -7.36 -18.52 -25.37
C SER A 419 -6.88 -17.31 -24.61
N GLU A 420 -7.83 -16.56 -24.16
CA GLU A 420 -7.53 -15.40 -23.36
C GLU A 420 -7.10 -15.77 -22.00
N ALA A 421 -7.57 -16.90 -21.49
CA ALA A 421 -7.24 -17.28 -20.17
C ALA A 421 -5.91 -17.93 -20.13
N ARG A 422 -5.37 -18.31 -21.26
CA ARG A 422 -4.08 -18.93 -21.31
C ARG A 422 -2.98 -17.92 -21.54
N GLU A 423 -3.30 -16.97 -22.30
CA GLU A 423 -2.37 -15.95 -22.67
C GLU A 423 -2.23 -14.93 -21.56
N ASP A 424 -3.31 -14.68 -20.82
CA ASP A 424 -3.31 -13.67 -19.77
C ASP A 424 -2.79 -14.23 -18.50
N MET A 425 -3.09 -15.54 -18.26
CA MET A 425 -2.62 -16.30 -17.08
C MET A 425 -1.25 -16.83 -17.36
N ALA A 426 -0.90 -16.85 -18.63
CA ALA A 426 0.38 -17.30 -19.12
C ALA A 426 1.46 -16.33 -18.71
N ALA A 427 1.48 -15.22 -19.38
CA ALA A 427 2.38 -14.14 -19.13
C ALA A 427 2.58 -13.92 -17.66
N LEU A 428 1.49 -14.48 -17.00
CA LEU A 428 1.58 -14.55 -15.57
C LEU A 428 2.81 -15.28 -15.24
N GLU A 429 3.04 -16.33 -15.99
CA GLU A 429 4.18 -17.14 -15.80
C GLU A 429 5.47 -16.40 -16.13
N LYS A 430 5.43 -15.69 -17.27
CA LYS A 430 6.61 -14.95 -17.65
C LYS A 430 6.77 -13.73 -16.78
N ASP A 431 5.69 -13.00 -16.58
CA ASP A 431 5.80 -11.82 -15.82
C ASP A 431 6.20 -12.10 -14.40
N TYR A 432 5.63 -13.15 -13.86
CA TYR A 432 5.92 -13.58 -12.51
C TYR A 432 7.41 -13.84 -12.42
N GLU A 433 7.92 -14.66 -13.33
CA GLU A 433 9.30 -15.06 -13.38
C GLU A 433 10.22 -13.88 -13.46
N GLU A 434 9.92 -12.99 -14.20
CA GLU A 434 10.71 -11.79 -14.36
C GLU A 434 10.58 -10.92 -13.12
N VAL A 435 9.68 -11.14 -12.25
CA VAL A 435 9.55 -10.38 -11.01
C VAL A 435 10.68 -10.69 -10.11
N GLY A 436 11.33 -11.81 -10.38
CA GLY A 436 12.34 -12.29 -9.52
C GLY A 436 13.31 -13.17 -10.31
N VAL A 437 14.02 -12.52 -11.19
CA VAL A 437 15.02 -13.28 -11.92
C VAL A 437 16.23 -12.41 -12.23
N ASP A 438 16.30 -11.28 -11.86
CA ASP A 438 17.53 -10.53 -12.11
C ASP A 438 17.67 -9.43 -11.08
N SER A 439 18.60 -8.64 -10.92
CA SER A 439 18.72 -7.51 -10.02
C SER A 439 17.88 -6.40 -10.47
N VAL A 440 17.64 -6.12 -11.70
CA VAL A 440 17.20 -4.94 -12.34
C VAL A 440 16.20 -4.23 -11.44
N MET B 1 3.31 27.50 31.02
CA MET B 1 2.51 27.68 32.21
C MET B 1 2.20 26.48 31.65
N ARG B 2 3.33 26.74 30.81
CA ARG B 2 4.06 26.07 29.70
C ARG B 2 3.45 24.84 29.54
N GLU B 3 2.29 25.07 29.26
CA GLU B 3 1.33 24.12 29.19
C GLU B 3 1.43 23.23 27.99
N ILE B 4 0.40 22.32 27.84
CA ILE B 4 0.66 21.18 26.97
C ILE B 4 -0.47 20.41 26.24
N VAL B 5 0.01 20.12 24.97
CA VAL B 5 -0.71 19.49 23.87
C VAL B 5 -0.40 18.13 23.54
N HIS B 6 -1.34 17.35 23.86
CA HIS B 6 -1.12 16.01 23.68
C HIS B 6 -1.78 15.43 22.47
N ILE B 7 -0.93 14.85 21.61
CA ILE B 7 -1.40 14.24 20.41
C ILE B 7 -0.87 12.85 20.24
N GLN B 8 -1.63 11.90 20.27
CA GLN B 8 -1.20 10.55 20.19
C GLN B 8 -1.72 9.85 18.97
N ALA B 9 -0.89 9.33 18.14
CA ALA B 9 -1.36 8.75 16.90
C ALA B 9 -0.86 7.37 16.63
N GLY B 10 -1.64 6.68 15.85
CA GLY B 10 -1.37 5.35 15.35
C GLY B 10 -1.36 4.33 16.45
N GLN B 11 -0.47 3.36 16.25
CA GLN B 11 -0.31 2.28 17.15
C GLN B 11 0.72 2.64 18.16
N CYS B 12 1.90 2.93 17.69
CA CYS B 12 3.03 3.25 18.53
C CYS B 12 2.77 4.48 19.38
N GLY B 13 1.99 5.34 18.86
CA GLY B 13 1.67 6.60 19.50
C GLY B 13 0.58 6.47 20.59
N ASN B 14 -0.51 5.72 20.24
CA ASN B 14 -1.61 5.47 21.15
C ASN B 14 -1.22 4.52 22.20
N GLN B 15 -0.51 3.52 21.85
CA GLN B 15 -0.08 2.59 22.80
C GLN B 15 1.02 3.18 23.64
N ILE B 16 1.90 3.84 22.88
CA ILE B 16 2.96 4.56 23.56
C ILE B 16 2.42 5.58 24.52
N GLY B 17 1.10 5.82 24.17
CA GLY B 17 0.42 6.75 25.04
C GLY B 17 0.10 6.20 26.36
N ALA B 18 -0.17 4.97 26.24
CA ALA B 18 -0.48 4.16 27.34
C ALA B 18 0.64 4.13 28.32
N LYS B 19 1.86 4.11 27.84
CA LYS B 19 2.95 3.96 28.76
C LYS B 19 3.66 5.25 29.16
N PHE B 20 3.47 6.29 28.46
CA PHE B 20 4.07 7.59 28.83
C PHE B 20 3.21 8.12 29.95
N TRP B 21 2.08 8.43 29.52
CA TRP B 21 1.08 8.85 30.39
C TRP B 21 0.97 7.80 31.44
N GLU B 22 1.30 6.60 31.63
CA GLU B 22 0.74 6.32 32.94
C GLU B 22 1.77 6.58 33.98
N VAL B 23 2.71 6.95 33.62
CA VAL B 23 3.84 7.25 34.44
C VAL B 23 3.72 8.64 35.04
N ILE B 24 2.55 9.05 34.77
CA ILE B 24 2.21 10.40 35.15
C ILE B 24 1.19 10.44 36.27
N SER B 25 0.06 9.74 36.32
CA SER B 25 -0.57 10.18 37.56
C SER B 25 0.60 10.16 38.59
N ASP B 26 1.94 9.95 38.07
CA ASP B 26 3.08 10.18 38.84
C ASP B 26 3.19 11.59 39.30
N GLU B 27 2.35 12.35 38.48
CA GLU B 27 1.66 13.58 38.66
C GLU B 27 2.53 14.72 38.24
N HIS B 28 2.48 15.09 37.08
CA HIS B 28 2.93 16.38 36.65
C HIS B 28 2.54 16.84 35.32
N GLY B 29 2.04 15.81 34.75
CA GLY B 29 1.60 15.76 33.42
C GLY B 29 1.06 17.11 32.95
N ILE B 30 1.95 17.46 32.15
CA ILE B 30 2.29 18.46 31.22
C ILE B 30 2.12 19.90 31.73
N ASP B 31 1.14 20.49 32.35
CA ASP B 31 1.52 21.81 32.73
C ASP B 31 0.67 22.32 33.82
N PRO B 32 0.04 21.60 34.67
CA PRO B 32 -0.68 22.26 35.67
C PRO B 32 0.28 22.89 36.58
N THR B 33 0.67 21.97 37.34
CA THR B 33 1.57 22.06 38.43
C THR B 33 0.81 21.64 39.67
N GLY B 34 1.53 21.42 40.68
CA GLY B 34 0.94 21.02 41.93
C GLY B 34 0.63 19.57 41.88
N SER B 35 -0.31 19.17 42.70
CA SER B 35 -0.60 17.80 42.82
C SER B 35 0.69 17.24 43.26
N TYR B 36 1.19 16.33 42.60
CA TYR B 36 2.35 15.57 42.85
C TYR B 36 3.03 16.07 44.09
N HIS B 37 2.69 17.04 44.90
CA HIS B 37 3.52 17.50 46.04
C HIS B 37 3.33 16.68 47.32
N GLY B 38 2.21 16.01 47.54
CA GLY B 38 1.97 15.24 48.78
C GLY B 38 1.03 14.07 48.54
N ASP B 39 1.50 13.30 47.62
CA ASP B 39 0.85 12.15 47.06
C ASP B 39 -0.59 12.24 46.93
N SER B 40 -1.06 11.21 46.47
CA SER B 40 -2.40 11.06 46.47
C SER B 40 -3.03 11.04 45.12
N ASP B 41 -3.89 10.13 45.09
CA ASP B 41 -4.98 10.05 44.17
C ASP B 41 -5.00 8.73 43.44
N LEU B 42 -5.35 8.93 42.25
CA LEU B 42 -4.88 8.06 41.18
C LEU B 42 -6.00 7.76 40.22
N GLN B 43 -5.51 7.66 39.08
CA GLN B 43 -6.14 6.97 37.96
C GLN B 43 -6.20 7.88 36.78
N LEU B 44 -7.38 7.93 36.41
CA LEU B 44 -7.72 8.66 35.24
C LEU B 44 -8.49 9.86 35.70
N GLU B 45 -8.16 10.33 37.01
CA GLU B 45 -8.67 11.55 37.57
C GLU B 45 -8.85 11.44 39.08
N ARG B 46 -9.48 12.40 39.81
CA ARG B 46 -9.44 13.34 40.92
C ARG B 46 -10.77 14.02 41.07
N ILE B 47 -10.64 15.21 41.56
CA ILE B 47 -11.76 15.99 42.06
C ILE B 47 -11.70 17.32 41.41
N ASN B 48 -12.46 17.82 40.49
CA ASN B 48 -12.90 19.02 39.89
C ASN B 48 -13.81 18.68 38.75
N VAL B 49 -13.43 19.69 37.81
CA VAL B 49 -14.14 20.08 36.69
C VAL B 49 -13.43 19.61 35.51
N TYR B 50 -14.19 19.15 34.69
CA TYR B 50 -13.66 18.72 33.53
C TYR B 50 -14.01 19.62 32.44
N TYR B 51 -13.16 19.15 31.75
CA TYR B 51 -12.50 19.24 30.55
C TYR B 51 -11.34 20.07 30.69
N ASN B 52 -10.77 19.45 29.88
CA ASN B 52 -9.58 19.49 29.39
C ASN B 52 -8.50 20.01 30.31
N GLU B 53 -8.61 21.14 30.89
CA GLU B 53 -7.52 21.89 31.45
C GLU B 53 -6.95 21.14 32.60
N ALA B 54 -7.62 20.20 33.19
CA ALA B 54 -6.98 19.53 34.27
C ALA B 54 -5.96 18.58 33.69
N ALA B 55 -5.92 18.81 32.36
CA ALA B 55 -4.82 18.39 31.49
C ALA B 55 -4.16 17.21 32.06
N GLY B 56 -2.93 17.35 32.17
CA GLY B 56 -2.13 16.33 32.74
C GLY B 56 -1.78 16.59 34.17
N ASN B 57 -2.51 17.48 34.82
CA ASN B 57 -2.25 17.78 36.21
C ASN B 57 -3.73 17.74 36.77
N LYS B 58 -4.05 17.56 37.97
CA LYS B 58 -5.22 17.43 38.84
C LYS B 58 -6.46 17.60 38.05
N TYR B 59 -7.47 17.16 38.16
CA TYR B 59 -8.70 16.39 38.14
C TYR B 59 -8.78 15.68 36.81
N VAL B 60 -8.03 16.07 35.78
CA VAL B 60 -8.23 15.56 34.44
C VAL B 60 -6.92 15.01 33.87
N PRO B 61 -7.15 14.21 32.83
CA PRO B 61 -6.16 13.82 31.84
C PRO B 61 -6.28 14.63 30.66
N ARG B 62 -5.35 15.55 30.30
CA ARG B 62 -5.48 16.28 29.07
C ARG B 62 -4.79 15.53 27.95
N ALA B 63 -5.32 15.14 27.05
CA ALA B 63 -4.57 14.68 25.87
C ALA B 63 -5.41 14.82 24.68
N ILE B 64 -4.75 14.84 23.58
CA ILE B 64 -5.35 14.75 22.31
C ILE B 64 -5.06 13.37 21.85
N LEU B 65 -6.04 12.60 21.54
CA LEU B 65 -5.75 11.24 21.19
C LEU B 65 -6.12 10.94 19.80
N VAL B 66 -5.27 10.27 19.12
CA VAL B 66 -5.52 9.95 17.75
C VAL B 66 -5.20 8.55 17.41
N ASP B 67 -6.25 7.84 17.19
CA ASP B 67 -6.19 6.49 16.75
C ASP B 67 -6.82 6.44 15.43
N LEU B 68 -6.40 5.62 14.55
CA LEU B 68 -7.02 5.62 13.26
C LEU B 68 -7.60 4.27 12.91
N GLU B 69 -7.65 3.45 13.73
CA GLU B 69 -8.18 2.15 13.46
C GLU B 69 -8.61 1.46 14.72
N PRO B 70 -9.59 1.38 15.12
CA PRO B 70 -9.96 1.43 16.52
C PRO B 70 -9.07 0.58 17.35
N GLY B 71 -7.90 0.44 17.23
CA GLY B 71 -6.94 -0.04 18.18
C GLY B 71 -6.64 0.99 19.26
N THR B 72 -6.52 1.58 19.59
CA THR B 72 -6.28 2.38 20.76
C THR B 72 -7.57 2.64 21.52
N MET B 73 -8.63 2.75 20.85
CA MET B 73 -9.87 2.70 21.59
C MET B 73 -9.86 1.66 22.64
N ASP B 74 -10.15 0.44 22.31
CA ASP B 74 -10.36 -0.67 23.12
C ASP B 74 -9.13 -0.99 23.84
N SER B 75 -7.93 -0.95 23.40
CA SER B 75 -6.76 -1.40 24.04
C SER B 75 -6.55 -0.68 25.34
N VAL B 76 -6.83 0.59 25.33
CA VAL B 76 -6.72 1.25 26.61
C VAL B 76 -8.06 1.77 27.09
N ARG B 77 -8.96 2.16 26.28
CA ARG B 77 -10.15 2.78 26.76
C ARG B 77 -11.12 1.79 27.35
N SER B 78 -11.17 1.75 28.66
CA SER B 78 -11.95 0.70 29.25
C SER B 78 -11.05 0.10 30.27
N GLY B 79 -11.45 -1.00 30.78
CA GLY B 79 -10.70 -1.70 31.79
C GLY B 79 -9.36 -1.01 32.12
N PRO B 80 -8.50 -0.64 31.14
CA PRO B 80 -7.17 -0.02 31.39
C PRO B 80 -7.17 1.30 32.21
N PHE B 81 -5.92 1.73 32.50
CA PHE B 81 -5.44 2.94 33.30
C PHE B 81 -6.25 4.21 33.15
N GLY B 82 -7.12 4.27 32.19
CA GLY B 82 -7.83 5.49 31.97
C GLY B 82 -9.35 5.33 31.87
N GLN B 83 -9.81 6.47 31.57
CA GLN B 83 -11.11 6.87 31.17
C GLN B 83 -11.14 7.04 29.67
N ILE B 84 -9.87 7.74 29.80
CA ILE B 84 -8.83 8.46 29.09
C ILE B 84 -8.81 9.89 29.54
N PHE B 85 -10.12 10.00 28.89
CA PHE B 85 -11.19 10.92 28.94
C PHE B 85 -12.15 10.68 27.82
N ARG B 86 -13.31 11.14 27.97
CA ARG B 86 -14.15 11.27 26.84
C ARG B 86 -13.95 12.59 26.21
N PRO B 87 -14.17 12.64 24.95
CA PRO B 87 -14.08 13.87 24.25
C PRO B 87 -12.65 14.37 24.06
N ASP B 88 -11.76 13.97 23.44
CA ASP B 88 -10.36 13.80 23.50
C ASP B 88 -9.94 12.50 22.88
N ASN B 89 -10.87 11.77 22.37
CA ASN B 89 -10.57 10.50 21.76
C ASN B 89 -11.07 10.41 20.35
N PHE B 90 -10.19 9.98 19.48
CA PHE B 90 -10.48 9.79 18.10
C PHE B 90 -10.64 8.36 17.75
N VAL B 91 -11.68 7.97 17.29
CA VAL B 91 -11.75 6.70 16.63
C VAL B 91 -12.28 6.85 15.28
N PHE B 92 -11.49 6.37 14.39
CA PHE B 92 -11.62 6.57 13.01
C PHE B 92 -12.81 5.93 12.34
N GLY B 93 -13.74 5.42 13.09
CA GLY B 93 -14.96 4.88 12.54
C GLY B 93 -14.72 3.80 11.49
N GLN B 94 -13.66 3.11 11.62
CA GLN B 94 -13.36 1.98 10.74
C GLN B 94 -12.45 2.33 9.55
N SER B 95 -12.18 3.57 9.35
CA SER B 95 -11.35 3.96 8.22
C SER B 95 -10.65 2.74 7.63
N GLY B 96 -10.48 1.79 8.48
CA GLY B 96 -9.87 0.52 8.13
C GLY B 96 -8.38 0.54 8.35
N ALA B 97 -7.95 1.53 9.06
CA ALA B 97 -6.55 1.77 9.29
C ALA B 97 -5.78 1.46 8.01
N GLY B 98 -4.77 2.22 7.79
CA GLY B 98 -3.99 2.06 6.60
C GLY B 98 -2.56 1.92 6.86
N ASN B 99 -2.02 1.02 6.15
CA ASN B 99 -0.63 0.98 6.07
C ASN B 99 -0.35 1.82 4.87
N ASN B 100 0.41 2.85 5.04
CA ASN B 100 0.75 3.69 3.93
C ASN B 100 0.61 5.13 4.31
N TRP B 101 1.73 5.80 4.17
CA TRP B 101 1.89 7.18 4.50
C TRP B 101 0.81 7.97 3.90
N ALA B 102 0.59 7.75 2.63
CA ALA B 102 -0.37 8.48 1.88
C ALA B 102 -1.78 8.29 2.43
N LYS B 103 -1.94 7.26 3.16
CA LYS B 103 -3.23 6.81 3.68
C LYS B 103 -3.64 7.40 5.00
N GLY B 104 -3.84 7.55 5.77
CA GLY B 104 -4.54 8.35 6.66
C GLY B 104 -4.06 9.75 6.46
N HIS B 105 -2.81 9.98 6.05
CA HIS B 105 -2.20 11.27 5.83
C HIS B 105 -2.91 11.92 4.70
N TYR B 106 -2.98 11.47 3.51
CA TYR B 106 -3.69 12.06 2.44
C TYR B 106 -5.16 11.70 2.55
N THR B 107 -5.46 10.46 2.82
CA THR B 107 -6.81 9.85 2.72
C THR B 107 -7.74 9.97 3.93
N GLU B 108 -7.88 8.99 4.76
CA GLU B 108 -8.78 8.98 5.92
C GLU B 108 -8.34 10.03 6.92
N GLY B 109 -7.11 10.15 7.03
CA GLY B 109 -6.66 11.24 7.93
C GLY B 109 -7.08 12.54 7.46
N ALA B 110 -7.08 13.02 6.38
CA ALA B 110 -7.43 14.36 6.05
C ALA B 110 -8.74 14.71 6.73
N GLU B 111 -9.64 13.68 6.54
CA GLU B 111 -11.04 13.83 6.95
C GLU B 111 -11.16 13.98 8.46
N LEU B 112 -10.17 13.21 9.16
CA LEU B 112 -9.97 13.17 10.60
C LEU B 112 -8.91 14.18 10.95
N VAL B 113 -7.97 14.30 10.00
CA VAL B 113 -6.91 15.28 10.17
C VAL B 113 -7.50 16.63 10.34
N ASP B 114 -8.76 16.68 9.90
CA ASP B 114 -9.50 17.87 10.19
C ASP B 114 -10.14 17.80 11.58
N SER B 115 -10.58 16.67 12.00
CA SER B 115 -11.21 16.45 13.30
C SER B 115 -10.19 16.54 14.37
N VAL B 116 -8.94 16.41 13.97
CA VAL B 116 -7.87 16.63 14.89
C VAL B 116 -7.58 18.10 15.06
N LEU B 117 -8.05 18.91 14.26
CA LEU B 117 -7.99 20.34 14.45
C LEU B 117 -8.80 20.75 15.68
N ASP B 118 -9.98 20.20 15.89
CA ASP B 118 -10.87 20.56 17.01
C ASP B 118 -10.27 20.18 18.31
N VAL B 119 -9.60 19.10 18.38
CA VAL B 119 -8.92 18.72 19.57
C VAL B 119 -7.83 19.74 19.89
N VAL B 120 -7.09 20.11 18.96
CA VAL B 120 -5.96 21.03 19.11
C VAL B 120 -6.47 22.38 19.49
N ARG B 121 -7.49 22.82 18.90
CA ARG B 121 -8.09 24.08 19.25
C ARG B 121 -8.47 24.12 20.73
N LYS B 122 -9.21 23.15 21.19
CA LYS B 122 -9.75 23.20 22.55
C LYS B 122 -8.64 23.15 23.52
N GLU B 123 -7.61 22.37 23.29
CA GLU B 123 -6.48 22.27 24.17
C GLU B 123 -5.69 23.55 24.20
N SER B 124 -5.39 24.04 23.03
CA SER B 124 -4.68 25.29 22.83
C SER B 124 -5.29 26.35 23.72
N GLU B 125 -6.64 26.32 23.70
CA GLU B 125 -7.29 27.40 24.41
C GLU B 125 -6.99 27.35 25.89
N SER B 126 -6.66 26.66 26.61
CA SER B 126 -6.90 26.09 27.91
C SER B 126 -6.78 27.14 28.99
N CYS B 127 -6.28 28.27 28.61
CA CYS B 127 -6.10 29.36 29.56
C CYS B 127 -4.70 29.37 30.06
N ASP B 128 -3.85 28.63 29.39
CA ASP B 128 -2.50 28.56 29.73
C ASP B 128 -1.59 28.69 28.53
N CYS B 129 -0.48 29.07 28.71
CA CYS B 129 0.34 29.28 27.50
C CYS B 129 1.06 28.03 27.11
N LEU B 130 0.66 27.35 26.11
CA LEU B 130 1.11 26.06 25.64
C LEU B 130 2.47 26.21 24.96
N GLN B 131 3.38 25.38 25.36
CA GLN B 131 4.71 25.36 24.79
C GLN B 131 5.05 24.01 24.25
N GLY B 132 4.31 23.04 24.36
CA GLY B 132 4.57 21.77 23.69
C GLY B 132 3.46 21.26 22.81
N PHE B 133 3.90 20.59 21.81
CA PHE B 133 3.14 19.74 20.95
C PHE B 133 3.69 18.38 20.90
N GLN B 134 3.09 17.55 21.63
CA GLN B 134 3.65 16.27 21.82
C GLN B 134 2.90 15.22 21.04
N LEU B 135 3.64 14.46 20.25
CA LEU B 135 3.09 13.54 19.26
C LEU B 135 3.84 12.27 19.26
N THR B 136 3.14 11.19 19.41
CA THR B 136 3.76 9.92 19.21
C THR B 136 3.54 9.45 17.87
N HIS B 137 4.47 8.76 17.37
CA HIS B 137 4.40 8.44 16.02
C HIS B 137 5.37 7.34 15.59
N SER B 138 5.12 6.76 14.27
CA SER B 138 5.67 5.50 13.83
C SER B 138 6.11 5.57 12.37
N LEU B 139 7.37 5.51 12.29
CA LEU B 139 7.88 5.10 10.98
C LEU B 139 7.25 3.79 10.57
N GLY B 140 6.57 3.81 9.48
CA GLY B 140 5.90 2.62 8.99
C GLY B 140 4.50 2.55 9.60
N GLY B 141 4.00 3.68 9.96
CA GLY B 141 2.72 3.74 10.67
C GLY B 141 1.62 3.87 9.87
N GLY B 142 1.33 3.91 8.70
CA GLY B 142 0.79 4.84 7.79
C GLY B 142 -0.01 5.85 8.57
N THR B 143 -0.95 5.38 9.37
CA THR B 143 -1.80 6.25 10.17
C THR B 143 -0.94 7.24 10.94
N GLY B 144 0.05 6.76 11.58
CA GLY B 144 0.94 7.58 12.35
C GLY B 144 1.91 8.29 11.40
N SER B 145 2.45 7.39 10.28
CA SER B 145 3.59 7.83 9.48
C SER B 145 3.19 8.96 8.62
N GLY B 146 2.02 8.90 8.10
CA GLY B 146 1.61 9.89 7.16
C GLY B 146 0.41 10.65 7.66
N MET B 147 -0.27 10.04 8.74
CA MET B 147 -1.16 10.88 9.50
C MET B 147 -0.34 11.71 10.44
N GLY B 148 0.70 11.34 10.92
CA GLY B 148 1.41 12.19 11.93
C GLY B 148 2.02 13.33 11.28
N THR B 149 2.46 13.20 10.03
CA THR B 149 2.94 14.30 9.24
C THR B 149 1.77 15.10 8.83
N LEU B 150 0.69 14.81 8.56
CA LEU B 150 -0.37 15.72 8.36
C LEU B 150 -0.61 16.56 9.61
N LEU B 151 -0.78 15.92 10.73
CA LEU B 151 -1.04 16.56 12.01
C LEU B 151 0.08 17.53 12.33
N ILE B 152 1.30 17.15 12.01
CA ILE B 152 2.47 17.97 12.29
C ILE B 152 2.49 19.17 11.42
N SER B 153 2.20 19.22 10.31
CA SER B 153 2.28 20.16 9.24
C SER B 153 1.29 21.25 9.53
N LYS B 154 0.04 20.95 9.79
CA LYS B 154 -0.90 21.98 10.17
C LYS B 154 -0.49 22.65 11.46
N ILE B 155 -0.03 21.86 12.37
CA ILE B 155 0.38 22.40 13.65
C ILE B 155 1.60 23.29 13.47
N ARG B 156 2.53 23.04 12.54
CA ARG B 156 3.59 24.00 12.31
C ARG B 156 3.05 25.12 11.52
N GLU B 157 2.12 24.83 10.69
CA GLU B 157 1.59 25.87 9.89
C GLU B 157 0.89 26.87 10.78
N GLU B 158 0.08 26.49 11.76
CA GLU B 158 -0.79 27.37 12.53
C GLU B 158 -0.12 27.79 13.81
N TYR B 159 0.83 26.93 14.22
CA TYR B 159 1.55 27.19 15.44
C TYR B 159 3.03 27.22 15.14
N PRO B 160 3.55 28.08 14.33
CA PRO B 160 4.93 28.35 14.03
C PRO B 160 5.62 28.59 15.29
N ASP B 161 5.17 29.40 16.24
CA ASP B 161 5.90 29.81 17.41
C ASP B 161 6.19 28.61 18.22
N ARG B 162 5.27 27.63 18.31
CA ARG B 162 5.36 26.60 19.29
C ARG B 162 6.04 25.41 18.66
N ILE B 163 7.43 25.24 19.05
CA ILE B 163 8.19 24.18 18.44
C ILE B 163 7.57 22.86 18.83
N MET B 164 7.49 22.00 17.86
CA MET B 164 6.89 20.71 18.08
C MET B 164 7.88 19.80 18.68
N ASN B 165 7.44 19.08 19.62
CA ASN B 165 8.16 17.99 20.11
C ASN B 165 7.59 16.70 19.57
N THR B 166 8.47 15.94 18.66
CA THR B 166 7.80 14.69 18.36
C THR B 166 8.67 13.56 18.74
N PHE B 167 7.96 12.56 19.54
CA PHE B 167 8.47 11.25 19.72
C PHE B 167 8.44 10.48 18.42
N SER B 168 9.42 9.68 18.19
CA SER B 168 9.59 8.92 16.95
C SER B 168 9.70 7.47 17.26
N VAL B 169 9.32 6.66 16.37
CA VAL B 169 9.69 5.29 16.27
C VAL B 169 10.27 4.98 14.89
N VAL B 170 11.01 4.19 14.48
CA VAL B 170 12.04 4.15 13.42
C VAL B 170 12.07 2.77 12.79
N PRO B 171 13.10 2.59 12.03
CA PRO B 171 13.43 1.38 11.33
C PRO B 171 14.62 0.84 11.92
N SER B 172 14.71 -0.18 12.44
CA SER B 172 15.98 -0.79 12.67
C SER B 172 16.09 -2.06 11.88
N PRO B 173 17.25 -2.59 11.81
CA PRO B 173 17.51 -3.80 11.10
C PRO B 173 16.69 -4.90 11.67
N LYS B 174 15.41 -4.94 11.34
CA LYS B 174 14.51 -6.00 11.80
C LYS B 174 13.11 -5.90 11.29
N VAL B 175 12.47 -4.79 11.31
CA VAL B 175 11.44 -4.70 10.35
C VAL B 175 10.06 -4.77 11.00
N SER B 176 9.25 -4.04 10.32
CA SER B 176 7.81 -4.11 10.25
C SER B 176 7.38 -3.75 8.88
N ASP B 177 6.42 -4.20 8.34
CA ASP B 177 5.90 -3.66 7.13
C ASP B 177 6.50 -4.36 5.92
N THR B 178 7.01 -4.18 4.96
CA THR B 178 8.07 -4.02 3.95
C THR B 178 8.03 -2.66 3.37
N VAL B 179 6.93 -2.00 3.48
CA VAL B 179 6.80 -0.70 2.91
C VAL B 179 7.49 0.33 3.78
N VAL B 180 7.80 -0.05 4.95
CA VAL B 180 8.63 0.81 5.79
C VAL B 180 10.08 0.67 5.37
N GLU B 181 10.57 0.97 4.68
CA GLU B 181 11.56 1.82 4.07
C GLU B 181 10.99 3.14 3.76
N PRO B 182 10.36 3.27 2.66
CA PRO B 182 9.87 4.44 2.08
C PRO B 182 8.80 5.19 2.92
N TYR B 183 7.89 4.48 3.58
CA TYR B 183 6.73 4.96 4.46
C TYR B 183 7.23 6.00 5.48
N ASN B 184 8.28 5.65 6.13
CA ASN B 184 8.93 6.52 7.10
C ASN B 184 9.84 7.48 6.35
N ALA B 185 10.04 7.26 5.06
CA ALA B 185 10.87 8.24 4.38
C ALA B 185 10.04 9.37 3.97
N THR B 186 8.71 9.03 3.71
CA THR B 186 7.88 10.12 3.37
C THR B 186 7.41 10.84 4.63
N LEU B 187 7.26 10.02 5.71
CA LEU B 187 7.04 10.54 7.06
C LEU B 187 8.18 11.47 7.41
N SER B 188 9.21 11.41 6.69
CA SER B 188 10.41 12.20 6.91
C SER B 188 10.26 13.57 6.35
N VAL B 189 10.25 13.55 4.85
CA VAL B 189 10.36 14.89 4.36
C VAL B 189 9.52 15.81 5.23
N HIS B 190 8.45 15.22 5.72
CA HIS B 190 7.55 15.98 6.58
C HIS B 190 8.11 16.05 7.95
N GLN B 191 8.95 15.35 8.50
CA GLN B 191 9.39 15.44 9.86
C GLN B 191 10.57 16.39 9.96
N LEU B 192 11.32 16.74 9.10
CA LEU B 192 12.39 17.69 8.92
C LEU B 192 11.85 19.06 8.79
N VAL B 193 11.29 19.89 8.14
CA VAL B 193 10.64 20.60 7.09
C VAL B 193 9.14 20.58 7.36
N GLU B 194 8.68 20.08 8.49
CA GLU B 194 7.26 19.95 8.77
C GLU B 194 7.00 20.45 10.18
N ASN B 195 7.80 21.30 10.75
CA ASN B 195 7.56 21.95 12.03
C ASN B 195 7.59 20.94 13.11
N THR B 196 8.04 20.16 13.01
CA THR B 196 8.48 19.34 14.09
C THR B 196 9.87 19.77 14.47
N ASP B 197 10.04 20.26 15.68
CA ASP B 197 11.19 21.02 16.15
C ASP B 197 12.28 20.06 16.43
N GLU B 198 12.06 19.22 17.29
CA GLU B 198 13.06 18.26 17.62
C GLU B 198 12.46 16.88 17.51
N THR B 199 12.83 16.06 17.46
CA THR B 199 12.57 14.72 16.98
C THR B 199 13.33 13.76 17.79
N TYR B 200 12.54 12.87 18.38
CA TYR B 200 13.03 11.82 19.19
C TYR B 200 13.09 10.56 18.40
N CYS B 201 13.94 9.73 18.81
CA CYS B 201 14.11 8.42 18.23
C CYS B 201 13.93 7.42 19.31
N ILE B 202 13.60 6.47 19.46
CA ILE B 202 12.96 5.29 20.00
C ILE B 202 13.01 4.19 18.95
N ASP B 203 14.10 3.73 18.46
CA ASP B 203 14.18 2.53 17.64
C ASP B 203 13.81 1.35 18.48
N ASN B 204 12.97 0.49 17.98
CA ASN B 204 12.60 -0.68 18.74
C ASN B 204 13.67 -1.74 18.64
N GLU B 205 14.58 -1.64 17.66
CA GLU B 205 15.64 -2.61 17.50
C GLU B 205 16.77 -2.27 18.46
N ALA B 206 16.81 -1.03 18.95
CA ALA B 206 17.79 -0.53 19.94
C ALA B 206 17.19 -0.58 21.33
N LEU B 207 15.90 -0.52 21.43
CA LEU B 207 15.21 -0.53 22.71
C LEU B 207 15.46 -1.82 23.40
N TYR B 208 15.67 -2.84 22.62
CA TYR B 208 15.90 -4.15 23.14
C TYR B 208 17.24 -4.20 23.76
N ASP B 209 18.30 -3.84 23.13
CA ASP B 209 19.59 -3.83 23.74
C ASP B 209 19.47 -3.35 25.17
N ILE B 210 18.75 -2.30 25.34
CA ILE B 210 18.55 -1.70 26.65
C ILE B 210 17.74 -2.56 27.58
N CYS B 211 16.65 -3.06 27.13
CA CYS B 211 15.78 -3.84 27.96
C CYS B 211 16.29 -5.20 28.08
N PHE B 212 17.57 -5.35 27.93
CA PHE B 212 17.99 -6.68 27.92
C PHE B 212 19.43 -6.85 28.22
N ARG B 213 20.14 -5.76 28.16
CA ARG B 213 21.54 -5.65 28.51
C ARG B 213 21.58 -4.99 29.87
N THR B 214 21.31 -3.75 29.80
CA THR B 214 21.15 -2.99 31.03
C THR B 214 20.20 -3.65 31.95
N LEU B 215 19.14 -4.01 31.38
CA LEU B 215 18.12 -4.72 32.06
C LEU B 215 18.37 -6.13 31.82
N LYS B 216 17.78 -6.86 32.65
CA LYS B 216 17.87 -8.28 32.44
C LYS B 216 16.61 -8.83 31.81
N LEU B 217 15.25 -8.39 32.27
CA LEU B 217 13.88 -8.84 31.72
C LEU B 217 14.06 -10.17 31.21
N THR B 218 13.46 -11.20 31.51
CA THR B 218 14.11 -12.30 30.79
C THR B 218 13.71 -12.39 29.28
N THR B 219 12.39 -11.96 29.07
CA THR B 219 11.51 -11.95 27.79
C THR B 219 10.83 -10.56 27.76
N PRO B 220 11.28 -9.56 26.99
CA PRO B 220 10.74 -8.24 27.06
C PRO B 220 9.40 -8.25 26.60
N THR B 221 9.02 -7.14 26.26
CA THR B 221 7.71 -7.02 25.90
C THR B 221 7.51 -5.70 25.35
N TYR B 222 6.52 -5.69 24.56
CA TYR B 222 6.07 -4.47 24.07
C TYR B 222 5.48 -3.79 25.33
N GLY B 223 4.83 -4.30 26.32
CA GLY B 223 4.44 -3.29 27.36
C GLY B 223 5.66 -2.84 28.14
N ASP B 224 6.64 -3.55 28.28
CA ASP B 224 7.76 -3.20 29.08
C ASP B 224 8.61 -2.16 28.43
N LEU B 225 8.56 -2.18 27.12
CA LEU B 225 9.24 -1.17 26.36
C LEU B 225 8.64 0.17 26.63
N ASN B 226 7.43 0.16 27.13
CA ASN B 226 6.73 1.36 27.47
C ASN B 226 7.24 1.91 28.84
N HIS B 227 7.68 1.04 29.77
CA HIS B 227 8.52 1.55 30.88
C HIS B 227 9.62 2.32 30.05
N LEU B 228 10.55 1.76 29.30
CA LEU B 228 11.68 2.60 28.68
C LEU B 228 11.38 4.06 28.32
N VAL B 229 10.46 4.25 27.44
CA VAL B 229 10.17 5.56 26.92
C VAL B 229 9.68 6.54 27.94
N SER B 230 8.87 6.13 28.83
CA SER B 230 8.39 7.06 29.80
C SER B 230 9.58 7.83 30.33
N ALA B 231 10.65 7.13 30.43
CA ALA B 231 11.89 7.68 30.93
C ALA B 231 12.34 8.84 30.11
N THR B 232 12.43 8.61 28.82
CA THR B 232 12.88 9.55 27.84
C THR B 232 11.92 10.66 27.76
N MET B 233 10.75 10.69 27.98
CA MET B 233 9.83 11.75 27.95
C MET B 233 9.76 12.48 29.26
N SER B 234 9.68 11.83 30.38
CA SER B 234 9.52 12.49 31.69
C SER B 234 10.65 13.49 31.93
N GLY B 235 11.83 13.17 31.49
CA GLY B 235 12.97 14.07 31.64
C GLY B 235 12.77 15.30 30.86
N VAL B 236 12.23 15.10 29.70
CA VAL B 236 12.08 16.23 28.84
C VAL B 236 10.86 16.99 29.32
N THR B 237 9.67 16.19 29.32
CA THR B 237 8.39 16.78 29.58
C THR B 237 8.23 17.14 31.05
N THR B 238 8.20 16.20 32.00
CA THR B 238 8.19 16.53 33.40
C THR B 238 9.44 17.31 33.75
N CYS B 239 10.60 16.89 33.37
CA CYS B 239 11.79 17.46 33.98
C CYS B 239 12.03 18.85 33.48
N LEU B 240 12.14 19.78 34.39
CA LEU B 240 12.34 21.13 33.95
C LEU B 240 11.02 21.82 33.97
N ARG B 241 10.10 21.03 33.88
CA ARG B 241 8.72 21.42 34.09
C ARG B 241 8.32 21.28 35.55
N PHE B 242 8.81 20.31 35.96
CA PHE B 242 8.61 20.17 37.27
C PHE B 242 9.68 21.00 37.82
N PRO B 243 9.64 21.24 38.98
CA PRO B 243 10.37 22.39 39.60
C PRO B 243 11.74 22.75 38.94
N GLY B 244 12.80 22.96 39.79
CA GLY B 244 14.26 22.94 39.32
C GLY B 244 15.27 24.14 39.42
N GLN B 245 16.50 23.80 39.81
CA GLN B 245 17.69 24.61 39.68
C GLN B 245 18.36 24.40 38.34
N LEU B 246 18.79 24.79 37.56
CA LEU B 246 18.84 25.17 36.17
C LEU B 246 17.71 24.47 35.47
N ASN B 247 16.82 25.10 34.95
CA ASN B 247 15.66 24.47 34.37
C ASN B 247 15.67 24.79 32.91
N ALA B 248 15.34 23.82 32.10
CA ALA B 248 15.30 23.98 30.67
C ALA B 248 13.89 23.80 30.20
N ASP B 249 13.37 24.85 29.74
CA ASP B 249 12.06 24.74 29.17
C ASP B 249 12.17 24.13 27.78
N LEU B 250 11.05 23.60 27.42
CA LEU B 250 11.07 22.92 26.12
C LEU B 250 11.80 23.69 25.05
N ARG B 251 11.78 24.96 25.12
CA ARG B 251 12.40 25.70 24.05
C ARG B 251 13.92 25.64 24.11
N LYS B 252 14.43 25.38 25.27
CA LYS B 252 15.88 25.17 25.41
C LYS B 252 16.18 23.90 24.67
N LEU B 253 15.18 23.07 24.65
CA LEU B 253 15.27 21.85 23.92
C LEU B 253 15.42 22.19 22.46
N ALA B 254 14.85 23.10 21.85
CA ALA B 254 14.97 23.31 20.43
C ALA B 254 16.20 24.14 20.09
N VAL B 255 16.86 24.88 20.84
CA VAL B 255 18.11 25.58 20.58
C VAL B 255 19.26 24.79 21.07
N ASN B 256 19.06 23.87 21.91
CA ASN B 256 20.15 23.15 22.41
C ASN B 256 20.53 22.05 21.45
N MET B 257 19.55 21.41 20.84
CA MET B 257 19.79 20.28 19.98
C MET B 257 19.71 20.66 18.53
N VAL B 258 19.06 21.60 18.16
CA VAL B 258 19.18 21.95 16.78
C VAL B 258 20.20 23.08 16.62
N PRO B 259 21.12 22.78 15.68
CA PRO B 259 22.03 23.83 15.34
C PRO B 259 21.95 24.26 13.99
N PHE B 260 20.75 24.40 13.69
CA PHE B 260 20.39 24.76 12.41
C PHE B 260 18.98 24.32 12.19
N PRO B 261 18.45 24.71 11.11
CA PRO B 261 17.08 24.40 10.72
C PRO B 261 16.51 23.12 10.28
N ARG B 262 17.21 22.38 9.45
CA ARG B 262 16.61 21.14 9.05
C ARG B 262 16.36 20.41 10.36
N LEU B 263 15.40 19.53 10.39
CA LEU B 263 14.95 18.87 11.62
C LEU B 263 16.01 18.08 12.28
N HIS B 264 16.51 18.64 13.34
CA HIS B 264 17.49 18.01 14.11
C HIS B 264 16.83 16.97 14.95
N PHE B 265 17.41 15.86 14.75
CA PHE B 265 17.01 14.63 15.34
C PHE B 265 17.95 14.26 16.41
N PHE B 266 17.37 13.58 17.37
CA PHE B 266 18.14 13.20 18.49
C PHE B 266 17.89 11.80 18.89
N MET B 267 18.79 11.45 19.71
CA MET B 267 18.82 10.19 20.36
C MET B 267 18.67 10.45 21.85
N PRO B 268 18.01 9.63 22.59
CA PRO B 268 17.93 9.96 23.98
C PRO B 268 18.08 8.75 24.75
N GLY B 269 18.71 8.76 26.20
CA GLY B 269 18.90 7.70 27.09
C GLY B 269 18.38 7.98 28.50
N PHE B 270 18.16 6.88 29.15
CA PHE B 270 17.78 6.97 30.56
C PHE B 270 18.69 6.12 31.32
N ALA B 271 19.39 6.59 32.26
CA ALA B 271 20.26 5.74 32.98
C ALA B 271 19.79 5.67 34.43
N PRO B 272 19.86 4.70 34.99
CA PRO B 272 19.04 4.14 36.03
C PRO B 272 18.30 2.98 35.49
N LEU B 273 18.93 2.36 34.50
CA LEU B 273 18.39 1.19 33.83
C LEU B 273 18.41 0.02 34.75
N THR B 274 18.81 -0.63 35.43
CA THR B 274 19.39 -0.78 36.73
C THR B 274 19.66 -2.22 36.95
N SER B 275 18.82 -3.25 36.60
CA SER B 275 18.62 -4.62 36.93
C SER B 275 17.90 -4.77 38.26
N ARG B 276 16.79 -5.43 38.27
CA ARG B 276 15.98 -5.62 39.47
C ARG B 276 16.82 -5.95 40.62
N GLY B 277 17.54 -7.08 40.33
CA GLY B 277 18.40 -7.57 41.34
C GLY B 277 19.68 -6.76 41.45
N SER B 278 20.38 -6.64 40.33
CA SER B 278 21.59 -5.85 40.33
C SER B 278 21.38 -4.53 41.01
N GLN B 279 20.21 -4.47 41.52
CA GLN B 279 19.71 -3.22 42.01
C GLN B 279 20.74 -2.48 42.80
N GLN B 280 21.78 -3.07 43.23
CA GLN B 280 22.67 -2.80 44.32
C GLN B 280 23.89 -2.02 43.84
N TYR B 281 24.11 -1.84 42.59
CA TYR B 281 25.29 -1.13 42.09
C TYR B 281 25.01 0.33 42.02
N ARG B 282 25.98 1.12 42.36
CA ARG B 282 26.20 2.54 42.39
C ARG B 282 24.89 3.23 42.65
N ALA B 283 24.89 3.76 43.90
CA ALA B 283 23.76 4.39 44.58
C ALA B 283 23.30 5.53 43.78
N LEU B 284 22.69 5.19 42.65
CA LEU B 284 22.22 6.18 41.75
C LEU B 284 23.34 7.15 41.42
N THR B 285 24.40 6.75 40.77
CA THR B 285 25.58 7.57 40.62
C THR B 285 25.37 8.63 39.63
N VAL B 286 26.47 9.74 39.78
CA VAL B 286 26.43 10.63 38.67
C VAL B 286 27.28 10.09 37.50
N PRO B 287 28.48 9.72 37.83
CA PRO B 287 29.35 9.16 36.83
C PRO B 287 28.74 7.93 36.31
N GLU B 288 27.97 7.62 37.31
CA GLU B 288 27.13 6.52 36.94
C GLU B 288 26.13 6.92 35.92
N LEU B 289 25.75 8.02 36.32
CA LEU B 289 24.79 8.46 35.55
C LEU B 289 25.32 9.08 34.27
N THR B 290 26.43 9.72 34.25
CA THR B 290 27.16 10.18 33.07
C THR B 290 27.71 9.01 32.27
N GLN B 291 28.24 8.19 32.84
CA GLN B 291 28.71 6.99 32.22
C GLN B 291 27.70 6.39 31.29
N GLN B 292 26.50 6.29 31.84
CA GLN B 292 25.51 5.50 31.12
C GLN B 292 24.83 6.31 30.11
N MET B 293 25.12 7.57 30.13
CA MET B 293 24.48 8.48 29.26
C MET B 293 25.17 8.61 27.90
N PHE B 294 26.32 8.02 27.69
CA PHE B 294 27.05 8.09 26.39
C PHE B 294 27.36 6.73 25.84
N ASP B 295 27.42 5.87 26.69
CA ASP B 295 27.89 4.65 26.09
C ASP B 295 27.21 4.38 24.79
N ALA B 296 27.89 3.70 23.91
CA ALA B 296 27.25 3.08 22.77
C ALA B 296 26.03 2.30 23.23
N LYS B 297 25.95 1.70 24.56
CA LYS B 297 25.03 0.65 24.93
C LYS B 297 23.85 1.20 25.72
N ASN B 298 23.92 2.34 25.94
CA ASN B 298 22.76 2.71 26.76
C ASN B 298 21.93 3.67 26.02
N MET B 299 22.17 3.88 24.70
CA MET B 299 21.32 4.80 24.07
C MET B 299 20.03 4.08 23.63
N MET B 300 18.90 4.72 23.84
CA MET B 300 17.60 4.12 23.54
C MET B 300 17.17 4.50 22.16
N ALA B 301 18.08 4.30 21.19
CA ALA B 301 17.88 4.59 19.79
C ALA B 301 18.55 3.56 18.90
N ALA B 302 18.40 3.65 17.49
CA ALA B 302 18.86 2.68 16.51
C ALA B 302 20.19 3.14 15.88
N CYS B 303 20.66 4.31 16.28
CA CYS B 303 22.04 4.67 15.96
C CYS B 303 22.92 4.31 17.08
N ASP B 304 24.07 3.80 16.79
CA ASP B 304 25.07 3.63 17.78
C ASP B 304 26.06 4.77 17.74
N PRO B 305 25.98 5.74 18.59
CA PRO B 305 26.42 7.05 18.26
C PRO B 305 27.90 7.13 18.04
N ARG B 306 28.55 6.16 18.52
CA ARG B 306 30.02 6.10 18.49
C ARG B 306 30.63 6.42 17.13
N HIS B 307 30.01 5.98 16.07
CA HIS B 307 30.46 6.35 14.72
C HIS B 307 30.08 7.76 14.57
N GLY B 308 30.77 8.41 14.91
CA GLY B 308 30.90 9.77 14.44
C GLY B 308 31.06 10.71 15.60
N ARG B 309 30.60 12.00 15.34
CA ARG B 309 30.57 12.99 16.42
C ARG B 309 29.15 13.44 16.65
N TYR B 310 28.77 13.68 17.89
CA TYR B 310 27.50 14.30 18.17
C TYR B 310 27.68 15.76 17.84
N LEU B 311 26.61 16.33 17.45
CA LEU B 311 26.49 17.76 17.29
C LEU B 311 25.33 18.16 18.19
N THR B 312 25.65 18.71 19.28
CA THR B 312 24.79 19.02 20.42
C THR B 312 24.67 17.82 21.27
N VAL B 313 24.84 17.99 22.55
CA VAL B 313 24.46 17.01 23.53
C VAL B 313 23.73 17.67 24.70
N ALA B 314 22.41 17.38 24.79
CA ALA B 314 21.61 17.86 25.92
C ALA B 314 21.38 16.78 26.92
N ALA B 315 21.95 16.87 28.11
CA ALA B 315 21.68 15.92 29.14
C ALA B 315 20.96 16.53 30.31
N VAL B 316 20.11 15.73 30.92
CA VAL B 316 19.31 16.16 32.08
C VAL B 316 19.28 15.15 33.20
N PHE B 317 19.63 15.67 34.41
CA PHE B 317 19.64 14.90 35.66
C PHE B 317 18.90 15.49 36.84
N ARG B 318 17.96 14.69 37.27
CA ARG B 318 17.03 15.12 38.30
C ARG B 318 17.01 14.22 39.46
N GLY B 319 18.12 14.15 40.15
CA GLY B 319 18.18 13.33 41.34
C GLY B 319 18.30 14.08 42.61
N ARG B 320 18.49 14.82 43.05
CA ARG B 320 18.67 15.95 43.94
C ARG B 320 20.14 16.21 44.17
N MET B 321 21.02 15.78 43.30
CA MET B 321 22.45 15.86 43.48
C MET B 321 22.92 17.24 43.17
N SER B 322 24.24 17.43 43.39
CA SER B 322 24.99 18.66 43.20
C SER B 322 24.85 19.12 41.79
N MET B 323 24.51 20.42 41.88
CA MET B 323 24.60 21.22 40.70
C MET B 323 26.05 21.45 40.28
N LYS B 324 26.90 21.23 41.13
CA LYS B 324 28.33 21.22 40.90
C LYS B 324 28.76 19.86 40.44
N GLU B 325 28.16 18.83 40.95
CA GLU B 325 28.47 17.47 40.69
C GLU B 325 28.13 17.05 39.29
N VAL B 326 26.96 17.40 38.76
CA VAL B 326 26.54 16.99 37.44
C VAL B 326 27.41 17.67 36.38
N ASP B 327 27.62 19.00 36.57
CA ASP B 327 28.40 19.80 35.64
C ASP B 327 29.86 19.46 35.68
N GLU B 328 30.38 19.12 36.79
CA GLU B 328 31.76 18.74 36.87
C GLU B 328 31.95 17.42 36.19
N GLN B 329 30.90 16.56 36.20
CA GLN B 329 31.10 15.25 35.64
C GLN B 329 30.89 15.30 34.17
N MET B 330 30.15 15.78 33.57
CA MET B 330 29.84 15.85 32.16
C MET B 330 31.07 16.28 31.36
N LEU B 331 32.05 16.86 31.89
CA LEU B 331 33.27 17.34 31.22
C LEU B 331 34.08 16.18 30.76
N ASN B 332 34.17 15.25 31.63
CA ASN B 332 34.94 14.06 31.45
C ASN B 332 34.43 13.24 30.28
N VAL B 333 33.37 13.32 30.01
CA VAL B 333 32.71 12.75 28.85
C VAL B 333 33.22 13.44 27.61
N GLN B 334 33.36 14.73 27.74
CA GLN B 334 33.67 15.57 26.61
C GLN B 334 35.13 15.44 26.20
N ASN B 335 35.95 14.86 26.98
CA ASN B 335 37.39 14.89 26.71
C ASN B 335 37.84 13.53 26.27
N LYS B 336 37.27 12.57 26.56
CA LYS B 336 37.37 11.26 25.96
C LYS B 336 36.25 11.00 25.01
N ASN B 337 36.12 11.91 24.12
CA ASN B 337 35.08 11.79 23.14
C ASN B 337 35.28 12.83 22.10
N SER B 338 36.46 13.41 22.09
CA SER B 338 36.79 14.43 21.13
C SER B 338 36.34 14.01 19.76
N SER B 339 36.92 13.38 19.44
CA SER B 339 36.47 13.12 18.09
C SER B 339 34.96 13.11 18.09
N TYR B 340 34.29 13.08 19.24
CA TYR B 340 32.84 12.97 19.39
C TYR B 340 32.28 14.30 19.65
N PHE B 341 33.10 15.26 19.38
CA PHE B 341 32.72 16.58 19.60
C PHE B 341 33.32 17.45 18.62
N VAL B 342 32.20 17.89 18.20
CA VAL B 342 31.97 18.54 17.02
C VAL B 342 32.87 19.71 16.65
N GLU B 343 33.87 20.13 16.77
CA GLU B 343 34.89 21.16 16.88
C GLU B 343 34.29 22.46 16.76
N TRP B 344 33.25 22.51 16.06
CA TRP B 344 32.51 23.56 16.39
C TRP B 344 31.63 23.10 17.40
N ILE B 345 31.40 23.95 17.85
CA ILE B 345 30.57 23.75 19.05
C ILE B 345 31.44 23.67 20.25
N PRO B 346 31.36 24.55 21.04
CA PRO B 346 31.51 24.77 22.46
C PRO B 346 30.34 25.27 23.12
N ASN B 347 30.49 24.48 23.99
CA ASN B 347 29.76 23.88 24.94
C ASN B 347 29.11 22.90 24.05
N ASN B 348 29.59 21.74 24.15
CA ASN B 348 29.08 20.65 23.38
C ASN B 348 28.06 19.92 24.21
N VAL B 349 28.05 20.25 25.47
CA VAL B 349 27.12 19.63 26.39
C VAL B 349 26.46 20.58 27.34
N LYS B 350 25.18 20.53 27.24
CA LYS B 350 24.30 21.24 28.13
C LYS B 350 23.79 20.29 29.17
N THR B 351 23.62 20.82 30.34
CA THR B 351 23.09 20.07 31.46
C THR B 351 21.98 20.79 32.16
N ALA B 352 20.87 20.12 32.44
CA ALA B 352 19.78 20.68 33.20
C ALA B 352 19.48 19.92 34.44
N VAL B 353 19.12 20.48 35.51
CA VAL B 353 18.69 19.73 36.66
C VAL B 353 17.37 20.22 37.21
N CYS B 354 16.50 19.25 37.48
CA CYS B 354 15.23 19.46 38.15
C CYS B 354 15.18 18.87 39.52
N ASP B 355 14.33 18.81 40.37
CA ASP B 355 14.40 18.80 41.77
C ASP B 355 13.68 17.63 42.36
N ILE B 356 13.26 16.68 41.60
CA ILE B 356 12.52 15.58 42.15
C ILE B 356 12.89 14.31 41.41
N PRO B 357 13.42 13.39 42.07
CA PRO B 357 13.82 12.21 41.34
C PRO B 357 12.70 11.19 41.26
N PRO B 358 12.86 10.91 39.96
CA PRO B 358 11.74 10.09 39.58
C PRO B 358 11.21 9.23 40.70
N ARG B 359 9.90 9.21 40.84
CA ARG B 359 9.21 8.42 41.83
C ARG B 359 9.74 7.06 41.85
N GLY B 360 10.45 6.81 42.88
CA GLY B 360 11.06 5.55 43.09
C GLY B 360 12.34 5.18 42.34
N LEU B 361 13.31 5.82 41.67
CA LEU B 361 14.71 5.67 41.28
C LEU B 361 15.60 6.33 42.30
N LYS B 362 15.18 7.19 42.84
CA LYS B 362 15.87 8.10 43.70
C LYS B 362 16.66 9.12 42.90
N MET B 363 17.41 8.77 41.79
CA MET B 363 18.18 9.78 41.10
C MET B 363 18.30 9.45 39.63
N SER B 364 18.11 10.48 38.69
CA SER B 364 17.74 10.26 37.32
C SER B 364 18.75 10.89 36.38
N ALA B 365 18.72 10.51 35.17
CA ALA B 365 19.57 10.92 34.08
C ALA B 365 18.85 10.82 32.78
N THR B 366 18.67 11.91 32.12
CA THR B 366 18.07 11.89 30.78
C THR B 366 19.11 12.47 29.81
N PHE B 367 19.07 12.01 28.59
CA PHE B 367 20.07 12.44 27.58
C PHE B 367 19.42 12.71 26.26
N ILE B 368 19.98 13.71 25.64
CA ILE B 368 19.59 14.15 24.33
C ILE B 368 20.85 14.43 23.49
N GLY B 369 20.71 14.48 22.19
CA GLY B 369 21.88 14.78 21.31
C GLY B 369 21.68 14.44 19.86
N ASN B 370 22.47 15.08 19.04
CA ASN B 370 22.66 14.81 17.63
C ASN B 370 24.12 14.65 17.29
N SER B 371 24.54 13.78 16.91
CA SER B 371 25.83 13.57 16.30
C SER B 371 25.76 13.35 14.82
N THR B 372 26.96 13.15 14.32
CA THR B 372 27.24 12.86 12.94
C THR B 372 26.75 11.49 12.60
N ALA B 373 26.51 10.74 13.61
CA ALA B 373 26.16 9.34 13.48
C ALA B 373 24.91 9.03 12.73
N ILE B 374 24.01 9.85 12.78
CA ILE B 374 22.77 9.57 12.18
C ILE B 374 22.91 9.54 10.68
N GLN B 375 23.90 10.24 10.17
CA GLN B 375 24.05 9.97 8.76
C GLN B 375 23.81 8.53 8.44
N GLU B 376 23.66 7.89 9.62
CA GLU B 376 23.42 6.48 9.66
C GLU B 376 21.94 6.17 9.60
N LEU B 377 21.21 6.45 10.65
CA LEU B 377 19.82 6.07 10.78
C LEU B 377 19.11 6.26 9.50
N PHE B 378 20.02 7.09 8.43
CA PHE B 378 19.15 7.28 7.33
C PHE B 378 19.70 6.63 6.08
N LYS B 379 21.02 6.66 6.02
CA LYS B 379 21.80 6.10 4.92
C LYS B 379 21.52 4.65 4.89
N ARG B 380 20.53 4.32 5.69
CA ARG B 380 20.02 2.98 5.81
C ARG B 380 18.58 2.92 5.26
N ILE B 381 17.76 3.90 5.54
CA ILE B 381 16.37 3.88 5.04
C ILE B 381 16.38 4.34 3.61
N SER B 382 17.43 5.01 3.18
CA SER B 382 17.58 5.56 1.87
C SER B 382 18.18 4.59 0.89
N GLU B 383 19.10 3.86 1.40
CA GLU B 383 19.54 2.76 0.60
C GLU B 383 18.39 1.85 0.26
N GLN B 384 17.52 1.90 1.28
CA GLN B 384 16.27 1.18 1.34
C GLN B 384 15.30 1.73 0.40
N PHE B 385 15.13 3.01 0.46
CA PHE B 385 14.21 3.64 -0.42
C PHE B 385 14.57 3.54 -1.89
N THR B 386 15.76 3.90 -2.25
CA THR B 386 16.18 3.89 -3.64
C THR B 386 16.06 2.52 -4.24
N ALA B 387 16.38 1.53 -3.47
CA ALA B 387 16.35 0.17 -3.90
C ALA B 387 14.99 -0.46 -3.67
N MET B 388 14.12 0.20 -2.87
CA MET B 388 12.81 -0.34 -2.50
C MET B 388 11.81 0.34 -3.31
N PHE B 389 10.99 1.10 -2.56
CA PHE B 389 9.84 1.81 -3.01
C PHE B 389 10.15 2.49 -4.34
N ARG B 390 11.16 3.32 -4.37
CA ARG B 390 11.55 4.07 -5.55
C ARG B 390 12.26 3.20 -6.57
N ARG B 391 12.91 2.37 -6.54
CA ARG B 391 13.42 1.19 -7.14
C ARG B 391 12.58 0.72 -8.28
N LYS B 392 12.25 -0.54 -8.24
CA LYS B 392 11.43 -1.16 -9.23
C LYS B 392 9.97 -1.04 -8.84
N ALA B 393 9.27 -0.17 -8.20
CA ALA B 393 8.44 0.59 -7.25
C ALA B 393 7.45 -0.29 -6.49
N PHE B 394 7.28 0.11 -5.17
CA PHE B 394 6.28 -0.52 -4.34
C PHE B 394 5.26 0.50 -3.82
N LEU B 395 4.37 0.99 -4.70
CA LEU B 395 3.48 2.02 -4.23
C LEU B 395 2.18 1.97 -4.92
N HIS B 396 1.79 0.84 -5.37
CA HIS B 396 0.51 0.71 -5.99
C HIS B 396 -0.49 0.86 -4.94
N TRP B 397 -0.05 0.49 -3.84
CA TRP B 397 -0.82 0.49 -2.66
C TRP B 397 -0.98 1.86 -2.20
N TYR B 398 0.09 2.56 -2.23
CA TYR B 398 0.03 3.93 -1.88
C TYR B 398 -0.53 4.70 -3.08
N THR B 399 -0.21 4.23 -4.34
CA THR B 399 -0.56 4.87 -5.66
C THR B 399 -2.02 5.08 -5.79
N GLY B 400 -2.89 4.43 -5.04
CA GLY B 400 -4.30 4.66 -4.96
C GLY B 400 -4.70 5.62 -3.86
N GLU B 401 -3.82 5.86 -2.95
CA GLU B 401 -4.16 6.56 -1.73
C GLU B 401 -4.19 8.03 -1.94
N GLY B 402 -3.53 8.80 -2.73
CA GLY B 402 -3.29 9.78 -3.75
C GLY B 402 -1.89 10.34 -3.65
N MET B 403 -0.59 9.76 -4.06
CA MET B 403 0.79 10.19 -4.26
C MET B 403 1.32 9.56 -5.54
N ASP B 404 1.73 10.36 -6.48
CA ASP B 404 2.20 9.90 -7.78
C ASP B 404 3.61 10.41 -8.06
N GLU B 405 4.49 9.87 -8.43
CA GLU B 405 5.93 9.77 -8.35
C GLU B 405 6.46 10.61 -7.23
N MET B 406 5.69 11.59 -6.86
CA MET B 406 6.01 12.55 -5.80
C MET B 406 5.73 11.96 -4.43
N GLU B 407 6.54 12.39 -3.53
CA GLU B 407 6.46 11.93 -2.15
C GLU B 407 7.24 10.69 -2.03
N PHE B 408 7.81 10.39 -2.77
CA PHE B 408 8.82 9.40 -2.93
C PHE B 408 10.12 10.02 -3.40
N THR B 409 10.17 10.61 -4.56
CA THR B 409 11.37 11.15 -5.16
C THR B 409 11.84 12.37 -4.41
N GLU B 410 10.91 13.13 -3.97
CA GLU B 410 11.19 14.32 -3.19
C GLU B 410 11.59 13.94 -1.82
N ALA B 411 11.10 12.82 -1.31
CA ALA B 411 11.40 12.46 0.02
C ALA B 411 12.76 11.86 0.07
N GLU B 412 13.30 11.29 -1.02
CA GLU B 412 14.61 10.72 -1.02
C GLU B 412 15.64 11.81 -1.23
N SER B 413 15.37 12.72 -2.04
CA SER B 413 16.33 13.73 -2.39
C SER B 413 16.46 14.75 -1.29
N ASN B 414 15.35 15.03 -0.60
CA ASN B 414 15.34 16.05 0.45
C ASN B 414 15.89 15.51 1.71
N MET B 415 15.58 14.25 2.03
CA MET B 415 15.95 13.47 3.14
C MET B 415 17.31 12.91 2.93
N ASN B 416 17.71 12.86 1.67
CA ASN B 416 19.01 12.40 1.23
C ASN B 416 20.07 13.38 1.66
N ASP B 417 20.11 14.48 0.97
CA ASP B 417 21.01 15.54 1.22
C ASP B 417 21.19 15.77 2.69
N LEU B 418 20.08 15.24 3.33
CA LEU B 418 20.15 15.17 4.77
C LEU B 418 21.37 14.44 5.16
N VAL B 419 21.61 13.39 4.40
CA VAL B 419 22.73 12.58 4.64
C VAL B 419 24.02 13.31 4.31
N SER B 420 24.01 14.00 3.17
CA SER B 420 25.21 14.73 2.81
C SER B 420 25.36 15.96 3.66
N GLU B 421 24.27 16.68 3.81
CA GLU B 421 24.39 17.89 4.58
C GLU B 421 24.76 17.63 6.01
N TYR B 422 24.19 16.59 6.54
CA TYR B 422 24.45 16.20 7.90
C TYR B 422 25.92 15.89 8.02
N GLN B 423 26.43 15.06 7.13
CA GLN B 423 27.80 14.66 7.13
C GLN B 423 28.75 15.83 7.05
N GLN B 424 28.11 16.68 6.34
CA GLN B 424 28.98 17.81 6.11
C GLN B 424 29.73 18.20 7.33
N TYR B 425 29.08 18.07 8.45
CA TYR B 425 29.71 18.36 9.69
C TYR B 425 30.56 17.24 9.99
N GLN B 426 31.80 17.56 10.01
CA GLN B 426 32.76 16.65 10.39
C GLN B 426 32.92 15.53 9.38
N ASP B 427 33.25 15.60 8.30
CA ASP B 427 34.03 14.94 7.26
C ASP B 427 35.39 15.62 7.09
N GLY C 19 16.15 -1.13 -34.98
CA GLY C 19 14.83 -0.62 -34.74
C GLY C 19 14.82 0.94 -34.94
N ALA C 20 13.60 1.44 -35.12
CA ALA C 20 13.34 2.81 -35.39
C ALA C 20 13.05 3.38 -33.97
N SER C 21 13.75 4.42 -33.62
CA SER C 21 13.56 5.08 -32.33
C SER C 21 12.18 5.76 -32.22
N VAL C 22 11.62 5.74 -31.02
CA VAL C 22 10.34 6.42 -30.78
C VAL C 22 10.72 7.92 -30.78
N LYS C 23 10.12 8.69 -31.67
CA LYS C 23 10.40 10.11 -31.75
C LYS C 23 9.67 10.89 -30.67
N VAL C 24 10.35 11.87 -30.11
CA VAL C 24 9.79 12.64 -29.03
C VAL C 24 9.83 14.16 -29.21
N ALA C 25 8.70 14.79 -28.94
CA ALA C 25 8.60 16.23 -29.01
C ALA C 25 7.99 16.67 -27.70
N VAL C 26 8.37 17.85 -27.23
CA VAL C 26 7.80 18.40 -26.01
C VAL C 26 7.27 19.76 -26.46
N ARG C 27 6.23 20.24 -25.81
CA ARG C 27 5.64 21.52 -26.20
C ARG C 27 5.12 22.28 -25.00
N VAL C 28 5.52 23.54 -24.89
CA VAL C 28 5.08 24.36 -23.79
C VAL C 28 4.00 25.35 -24.27
N ARG C 29 2.92 25.44 -23.49
CA ARG C 29 1.79 26.32 -23.82
C ARG C 29 1.86 27.65 -23.08
N PRO C 30 0.93 28.57 -23.39
CA PRO C 30 0.92 29.88 -22.74
C PRO C 30 0.37 29.66 -21.32
N PHE C 31 0.52 30.64 -20.44
CA PHE C 31 0.00 30.52 -19.08
C PHE C 31 -1.51 30.29 -19.16
N ASN C 32 -2.06 29.61 -18.17
CA ASN C 32 -3.50 29.40 -18.15
C ASN C 32 -4.08 30.25 -17.03
N SER C 33 -5.39 30.22 -16.84
CA SER C 33 -6.02 31.04 -15.82
C SER C 33 -5.44 30.87 -14.41
N ARG C 34 -5.25 29.62 -14.01
N ARG C 34 -5.25 29.62 -14.02
CA ARG C 34 -4.70 29.31 -12.69
CA ARG C 34 -4.70 29.29 -12.71
C ARG C 34 -3.34 29.97 -12.49
C ARG C 34 -3.34 29.97 -12.49
N GLU C 35 -2.41 29.67 -13.38
CA GLU C 35 -1.07 30.25 -13.29
C GLU C 35 -1.11 31.77 -13.25
N MET C 36 -1.95 32.38 -14.07
CA MET C 36 -2.05 33.84 -14.09
C MET C 36 -2.57 34.37 -12.76
N SER C 37 -3.53 33.68 -12.15
CA SER C 37 -4.09 34.15 -10.88
C SER C 37 -3.07 34.13 -9.74
N ARG C 38 -2.01 33.36 -9.94
N ARG C 38 -2.00 33.37 -9.92
CA ARG C 38 -0.96 33.23 -8.93
CA ARG C 38 -0.97 33.30 -8.89
C ARG C 38 0.32 33.96 -9.29
C ARG C 38 0.32 33.98 -9.27
N ASP C 39 0.26 34.75 -10.36
CA ASP C 39 1.42 35.49 -10.80
C ASP C 39 2.61 34.59 -11.08
N SER C 40 2.35 33.52 -11.80
CA SER C 40 3.40 32.57 -12.14
C SER C 40 4.38 33.13 -13.16
N LYS C 41 5.67 32.84 -12.94
CA LYS C 41 6.69 33.28 -13.89
C LYS C 41 7.00 32.05 -14.73
N CYS C 42 7.59 32.26 -15.91
CA CYS C 42 7.94 31.16 -16.80
C CYS C 42 9.29 30.56 -16.41
N ILE C 43 9.34 29.24 -16.25
CA ILE C 43 10.58 28.56 -15.89
C ILE C 43 11.07 27.65 -17.01
N ILE C 44 10.51 27.83 -18.21
CA ILE C 44 10.88 27.03 -19.36
C ILE C 44 11.47 27.88 -20.48
N GLN C 45 12.56 27.38 -21.07
CA GLN C 45 13.23 28.05 -22.17
C GLN C 45 13.52 27.04 -23.26
N MET C 46 13.50 27.50 -24.50
CA MET C 46 13.77 26.61 -25.60
C MET C 46 14.68 27.26 -26.63
N SER C 47 15.48 26.41 -27.27
CA SER C 47 16.43 26.86 -28.29
C SER C 47 16.79 25.62 -29.08
N GLY C 48 16.53 25.65 -30.37
CA GLY C 48 16.81 24.49 -31.19
C GLY C 48 15.92 23.35 -30.73
N SER C 49 16.51 22.19 -30.48
CA SER C 49 15.74 21.04 -30.04
C SER C 49 15.87 20.87 -28.53
N THR C 50 16.52 21.83 -27.88
CA THR C 50 16.74 21.79 -26.45
C THR C 50 15.73 22.57 -25.60
N THR C 51 15.31 21.97 -24.50
CA THR C 51 14.39 22.59 -23.55
C THR C 51 15.12 22.65 -22.23
N THR C 52 15.11 23.81 -21.59
CA THR C 52 15.75 24.00 -20.31
C THR C 52 14.70 24.40 -19.27
N ILE C 53 14.83 23.84 -18.06
CA ILE C 53 13.90 24.14 -16.99
C ILE C 53 14.64 24.65 -15.77
N VAL C 54 14.15 25.77 -15.23
CA VAL C 54 14.75 26.40 -14.07
C VAL C 54 13.97 26.02 -12.81
N ASN C 55 14.69 25.83 -11.70
CA ASN C 55 14.04 25.47 -10.44
C ASN C 55 13.73 26.74 -9.69
N PRO C 56 12.43 27.08 -9.59
CA PRO C 56 11.98 28.29 -8.89
C PRO C 56 12.29 28.34 -7.39
N LYS C 57 12.29 27.17 -6.76
CA LYS C 57 12.56 27.07 -5.32
C LYS C 57 14.05 27.13 -4.98
N GLN C 58 14.87 26.54 -5.84
CA GLN C 58 16.32 26.51 -5.65
C GLN C 58 16.95 27.18 -6.88
N PRO C 59 16.83 28.52 -6.98
CA PRO C 59 17.39 29.25 -8.13
C PRO C 59 18.91 29.19 -8.19
N LYS C 60 19.49 28.65 -7.14
CA LYS C 60 20.94 28.51 -6.98
C LYS C 60 21.53 27.33 -7.75
N GLU C 61 20.68 26.48 -8.29
CA GLU C 61 21.22 25.35 -9.02
C GLU C 61 21.35 25.75 -10.47
N THR C 62 21.98 24.87 -11.23
CA THR C 62 22.15 25.10 -12.66
C THR C 62 20.87 24.51 -13.28
N PRO C 63 20.27 25.21 -14.26
CA PRO C 63 19.04 24.70 -14.89
C PRO C 63 19.30 23.42 -15.65
N LYS C 64 18.33 22.52 -15.60
CA LYS C 64 18.42 21.24 -16.28
C LYS C 64 17.96 21.35 -17.74
N SER C 65 18.78 20.81 -18.64
CA SER C 65 18.48 20.83 -20.06
C SER C 65 18.21 19.44 -20.60
N PHE C 66 17.32 19.37 -21.60
CA PHE C 66 16.95 18.12 -22.23
C PHE C 66 16.87 18.36 -23.73
N SER C 67 17.31 17.38 -24.52
CA SER C 67 17.30 17.51 -25.97
C SER C 67 16.28 16.52 -26.54
N PHE C 68 15.51 16.96 -27.52
CA PHE C 68 14.48 16.11 -28.12
C PHE C 68 14.46 16.22 -29.62
N ASP C 69 13.60 15.45 -30.27
CA ASP C 69 13.48 15.56 -31.72
C ASP C 69 12.96 16.95 -32.05
N TYR C 70 12.08 17.47 -31.19
CA TYR C 70 11.50 18.81 -31.37
C TYR C 70 11.20 19.42 -30.03
N SER C 71 11.53 20.69 -29.87
CA SER C 71 11.19 21.40 -28.65
C SER C 71 10.32 22.57 -29.14
N TYR C 72 9.00 22.40 -29.05
CA TYR C 72 8.04 23.42 -29.50
C TYR C 72 7.73 24.53 -28.53
N TRP C 73 8.09 25.75 -28.93
CA TRP C 73 7.82 26.94 -28.12
C TRP C 73 6.46 27.51 -28.52
N SER C 74 5.43 27.25 -27.72
CA SER C 74 4.09 27.76 -28.04
C SER C 74 3.59 28.53 -26.85
N HIS C 75 4.49 29.23 -26.20
CA HIS C 75 4.16 29.94 -24.99
C HIS C 75 3.51 31.33 -25.20
N THR C 76 3.76 31.93 -26.36
CA THR C 76 3.27 33.25 -26.74
C THR C 76 1.96 33.16 -27.53
N SER C 77 1.92 33.68 -28.76
CA SER C 77 0.70 33.55 -29.59
C SER C 77 1.10 33.62 -31.08
N PRO C 78 0.25 33.06 -31.98
CA PRO C 78 0.55 33.05 -33.41
C PRO C 78 1.12 34.33 -34.02
N GLU C 79 0.93 35.48 -33.38
CA GLU C 79 1.52 36.69 -33.96
C GLU C 79 3.05 36.71 -33.81
N ASP C 80 3.58 35.80 -32.99
CA ASP C 80 5.03 35.69 -32.75
C ASP C 80 5.62 34.89 -33.90
N ILE C 81 6.77 35.30 -34.41
CA ILE C 81 7.38 34.53 -35.49
C ILE C 81 7.81 33.15 -34.98
N ASN C 82 8.19 33.08 -33.70
CA ASN C 82 8.67 31.83 -33.09
C ASN C 82 7.63 30.90 -32.45
N TYR C 83 6.35 31.23 -32.62
CA TYR C 83 5.29 30.40 -32.05
C TYR C 83 5.12 29.10 -32.84
N ALA C 84 5.04 27.98 -32.12
CA ALA C 84 4.88 26.68 -32.78
C ALA C 84 3.40 26.42 -32.93
N SER C 85 2.91 26.50 -34.17
CA SER C 85 1.49 26.33 -34.47
C SER C 85 1.04 24.89 -34.58
N GLN C 86 -0.28 24.71 -34.61
CA GLN C 86 -0.90 23.42 -34.75
C GLN C 86 -0.42 22.85 -36.07
N LYS C 87 -0.32 23.72 -37.08
CA LYS C 87 0.15 23.32 -38.39
C LYS C 87 1.60 22.80 -38.37
N GLN C 88 2.49 23.39 -37.59
N GLN C 88 2.49 23.40 -37.58
CA GLN C 88 3.87 22.89 -37.56
CA GLN C 88 3.86 22.88 -37.56
C GLN C 88 3.94 21.57 -36.83
C GLN C 88 3.93 21.56 -36.83
N VAL C 89 3.22 21.48 -35.71
CA VAL C 89 3.22 20.26 -34.92
C VAL C 89 2.72 19.12 -35.79
N TYR C 90 1.70 19.37 -36.60
CA TYR C 90 1.20 18.30 -37.46
C TYR C 90 2.11 18.01 -38.65
N ARG C 91 2.64 19.06 -39.26
CA ARG C 91 3.49 18.88 -40.43
C ARG C 91 4.80 18.18 -40.11
N ASP C 92 5.24 18.28 -38.87
CA ASP C 92 6.47 17.59 -38.50
C ASP C 92 6.19 16.11 -38.24
N ILE C 93 5.55 15.83 -37.12
N ILE C 93 5.55 15.83 -37.12
CA ILE C 93 5.27 14.45 -36.74
CA ILE C 93 5.25 14.45 -36.72
C ILE C 93 3.99 13.81 -37.28
C ILE C 93 3.99 13.80 -37.29
N GLY C 94 2.89 14.55 -37.35
CA GLY C 94 1.66 13.96 -37.86
C GLY C 94 1.80 13.49 -39.30
N GLU C 95 2.33 14.39 -40.13
CA GLU C 95 2.52 14.12 -41.56
C GLU C 95 3.47 12.93 -41.77
N GLU C 96 4.51 12.86 -40.95
CA GLU C 96 5.49 11.78 -41.05
C GLU C 96 4.84 10.42 -40.77
N MET C 97 4.02 10.36 -39.73
CA MET C 97 3.34 9.11 -39.40
C MET C 97 2.32 8.68 -40.45
N LEU C 98 1.61 9.65 -41.02
CA LEU C 98 0.60 9.32 -42.04
C LEU C 98 1.30 8.74 -43.25
N GLN C 99 2.45 9.31 -43.62
N GLN C 99 2.44 9.31 -43.61
CA GLN C 99 3.18 8.81 -44.77
CA GLN C 99 3.18 8.80 -44.76
C GLN C 99 3.63 7.37 -44.49
C GLN C 99 3.62 7.36 -44.49
N HIS C 100 3.97 7.07 -43.23
CA HIS C 100 4.38 5.71 -42.89
C HIS C 100 3.18 4.79 -43.01
N ALA C 101 2.00 5.28 -42.65
CA ALA C 101 0.79 4.48 -42.77
C ALA C 101 0.63 4.08 -44.23
N PHE C 102 0.87 5.03 -45.14
CA PHE C 102 0.76 4.76 -46.57
C PHE C 102 1.79 3.74 -47.03
N GLU C 103 2.93 3.69 -46.35
CA GLU C 103 3.97 2.72 -46.72
C GLU C 103 3.56 1.34 -46.21
N GLY C 104 2.55 1.30 -45.34
CA GLY C 104 2.09 0.03 -44.83
C GLY C 104 2.51 -0.25 -43.38
N TYR C 105 3.04 0.76 -42.70
CA TYR C 105 3.47 0.58 -41.32
C TYR C 105 2.40 0.99 -40.31
N ASN C 106 2.33 0.29 -39.17
CA ASN C 106 1.39 0.66 -38.12
C ASN C 106 2.04 1.85 -37.44
N VAL C 107 1.24 2.83 -37.01
CA VAL C 107 1.79 4.02 -36.38
C VAL C 107 1.04 4.45 -35.14
N CYS C 108 1.70 5.20 -34.29
CA CYS C 108 1.06 5.68 -33.07
C CYS C 108 1.62 6.99 -32.59
N ILE C 109 0.71 7.85 -32.12
CA ILE C 109 1.11 9.13 -31.57
C ILE C 109 0.33 9.31 -30.29
N PHE C 110 1.03 9.54 -29.18
CA PHE C 110 0.33 9.74 -27.94
C PHE C 110 0.81 11.02 -27.28
N ALA C 111 -0.12 11.72 -26.64
CA ALA C 111 0.13 12.98 -25.96
C ALA C 111 0.23 12.65 -24.48
N TYR C 112 1.28 13.15 -23.85
CA TYR C 112 1.52 12.86 -22.44
C TYR C 112 1.85 14.10 -21.69
N GLY C 113 1.45 14.17 -20.43
CA GLY C 113 1.75 15.35 -19.63
C GLY C 113 0.82 15.59 -18.47
N GLN C 114 1.21 16.53 -17.62
CA GLN C 114 0.44 16.89 -16.44
C GLN C 114 -0.94 17.41 -16.82
N THR C 115 -1.89 17.25 -15.90
CA THR C 115 -3.25 17.73 -16.11
C THR C 115 -3.18 19.20 -16.50
N GLY C 116 -3.86 19.55 -17.60
CA GLY C 116 -3.87 20.94 -18.05
C GLY C 116 -2.67 21.44 -18.82
N ALA C 117 -1.70 20.57 -19.12
CA ALA C 117 -0.50 21.02 -19.82
C ALA C 117 -0.72 21.27 -21.31
N GLY C 118 -1.78 20.69 -21.86
CA GLY C 118 -2.04 20.91 -23.27
C GLY C 118 -2.11 19.68 -24.14
N LYS C 119 -2.48 18.54 -23.58
CA LYS C 119 -2.58 17.29 -24.33
C LYS C 119 -3.74 17.28 -25.35
N SER C 120 -4.94 17.62 -24.90
CA SER C 120 -6.11 17.61 -25.78
C SER C 120 -6.00 18.67 -26.89
N TYR C 121 -5.49 19.84 -26.54
CA TYR C 121 -5.30 20.90 -27.53
C TYR C 121 -4.39 20.41 -28.66
N THR C 122 -3.29 19.75 -28.28
CA THR C 122 -2.35 19.23 -29.29
C THR C 122 -2.95 18.14 -30.15
N MET C 123 -3.66 17.20 -29.53
CA MET C 123 -4.25 16.10 -30.27
C MET C 123 -5.58 16.41 -30.96
N MET C 124 -6.45 17.16 -30.30
CA MET C 124 -7.75 17.47 -30.90
C MET C 124 -7.81 18.93 -31.30
N GLY C 125 -7.39 19.82 -30.41
CA GLY C 125 -7.40 21.24 -30.67
C GLY C 125 -8.83 21.76 -30.65
N LYS C 126 -9.12 22.80 -31.40
CA LYS C 126 -10.48 23.32 -31.40
C LYS C 126 -10.97 23.38 -32.84
N GLN C 127 -12.25 23.60 -33.04
CA GLN C 127 -12.73 23.61 -34.41
C GLN C 127 -13.05 24.98 -34.98
N GLU C 128 -12.01 25.77 -35.13
CA GLU C 128 -12.11 27.13 -35.65
C GLU C 128 -10.74 27.56 -36.08
N LYS C 129 -10.67 28.78 -36.56
CA LYS C 129 -9.37 29.36 -36.63
C LYS C 129 -8.08 28.59 -36.96
N ASP C 130 -8.09 27.52 -37.75
CA ASP C 130 -6.86 26.76 -37.95
C ASP C 130 -6.30 26.35 -36.52
N GLN C 131 -7.20 25.99 -35.58
CA GLN C 131 -6.80 25.57 -34.22
C GLN C 131 -7.01 24.08 -34.00
N GLN C 132 -7.27 23.39 -35.10
CA GLN C 132 -7.50 21.94 -35.08
C GLN C 132 -6.17 21.21 -34.85
N GLY C 133 -6.20 20.20 -33.98
CA GLY C 133 -5.02 19.44 -33.66
C GLY C 133 -4.58 18.35 -34.61
N ILE C 134 -3.71 17.47 -34.11
CA ILE C 134 -3.16 16.36 -34.91
C ILE C 134 -4.18 15.42 -35.51
N ILE C 135 -5.14 14.98 -34.70
CA ILE C 135 -6.15 14.05 -35.20
C ILE C 135 -7.00 14.61 -36.36
N PRO C 136 -7.58 15.81 -36.18
CA PRO C 136 -8.39 16.35 -37.30
C PRO C 136 -7.54 16.57 -38.55
N GLN C 137 -6.35 17.13 -38.39
CA GLN C 137 -5.47 17.37 -39.53
C GLN C 137 -5.04 16.11 -40.24
N LEU C 138 -4.73 15.06 -39.47
CA LEU C 138 -4.31 13.81 -40.09
C LEU C 138 -5.46 13.19 -40.86
N CYS C 139 -6.64 13.20 -40.28
CA CYS C 139 -7.80 12.63 -40.96
C CYS C 139 -8.08 13.34 -42.27
N GLU C 140 -8.04 14.67 -42.23
CA GLU C 140 -8.27 15.49 -43.41
C GLU C 140 -7.20 15.19 -44.46
N ASP C 141 -5.95 15.18 -44.04
CA ASP C 141 -4.82 14.89 -44.93
C ASP C 141 -4.98 13.52 -45.57
N LEU C 142 -5.44 12.55 -44.77
CA LEU C 142 -5.64 11.19 -45.23
C LEU C 142 -6.66 11.10 -46.36
N PHE C 143 -7.82 11.71 -46.17
CA PHE C 143 -8.86 11.67 -47.21
C PHE C 143 -8.47 12.49 -48.44
N SER C 144 -7.71 13.58 -48.23
CA SER C 144 -7.26 14.40 -49.34
C SER C 144 -6.34 13.58 -50.24
N ARG C 145 -5.40 12.86 -49.63
CA ARG C 145 -4.48 12.03 -50.39
C ARG C 145 -5.20 10.92 -51.13
N ILE C 146 -6.20 10.34 -50.48
CA ILE C 146 -6.97 9.26 -51.09
C ILE C 146 -7.76 9.75 -52.29
N ASN C 147 -8.39 10.92 -52.15
CA ASN C 147 -9.19 11.48 -53.24
C ASN C 147 -8.35 12.09 -54.35
N ASP C 148 -7.04 12.20 -54.12
CA ASP C 148 -6.12 12.75 -55.11
C ASP C 148 -5.55 11.63 -55.97
N THR C 149 -5.92 10.40 -55.64
CA THR C 149 -5.46 9.23 -56.38
C THR C 149 -5.90 9.32 -57.85
N THR C 150 -5.03 8.89 -58.76
CA THR C 150 -5.36 8.91 -60.18
C THR C 150 -5.12 7.55 -60.82
N ASN C 151 -4.55 6.63 -60.05
CA ASN C 151 -4.29 5.28 -60.53
C ASN C 151 -5.48 4.40 -60.16
N ASP C 152 -6.35 4.13 -61.14
CA ASP C 152 -7.54 3.34 -60.91
C ASP C 152 -7.29 1.92 -60.42
N ASN C 153 -6.03 1.50 -60.38
CA ASN C 153 -5.71 0.17 -59.89
C ASN C 153 -5.70 0.15 -58.36
N MET C 154 -5.79 1.34 -57.77
CA MET C 154 -5.80 1.48 -56.32
C MET C 154 -7.17 1.88 -55.77
N SER C 155 -7.62 1.19 -54.73
CA SER C 155 -8.89 1.50 -54.08
C SER C 155 -8.61 1.48 -52.58
N TYR C 156 -9.39 2.24 -51.81
CA TYR C 156 -9.16 2.33 -50.38
C TYR C 156 -10.35 2.09 -49.48
N SER C 157 -10.05 1.77 -48.23
CA SER C 157 -11.05 1.53 -47.21
C SER C 157 -10.52 2.12 -45.91
N VAL C 158 -11.37 2.87 -45.21
CA VAL C 158 -11.00 3.52 -43.96
C VAL C 158 -12.03 3.16 -42.89
N GLU C 159 -11.58 2.59 -41.78
CA GLU C 159 -12.46 2.22 -40.68
C GLU C 159 -12.00 2.93 -39.43
N VAL C 160 -12.93 3.37 -38.60
CA VAL C 160 -12.55 4.08 -37.40
C VAL C 160 -13.19 3.51 -36.13
N SER C 161 -12.49 3.69 -35.02
N SER C 161 -12.49 3.69 -35.01
CA SER C 161 -12.97 3.23 -33.71
CA SER C 161 -12.96 3.23 -33.71
C SER C 161 -12.48 4.29 -32.74
C SER C 161 -12.48 4.29 -32.74
N TYR C 162 -13.24 4.50 -31.68
CA TYR C 162 -12.88 5.52 -30.71
C TYR C 162 -13.31 5.02 -29.35
N MET C 163 -12.37 4.93 -28.42
CA MET C 163 -12.69 4.41 -27.11
C MET C 163 -12.12 5.27 -26.01
N GLU C 164 -12.67 5.10 -24.81
CA GLU C 164 -12.18 5.83 -23.67
C GLU C 164 -11.78 4.80 -22.63
N ILE C 165 -10.71 5.08 -21.90
CA ILE C 165 -10.28 4.16 -20.84
C ILE C 165 -10.30 4.98 -19.56
N TYR C 166 -11.18 4.61 -18.64
CA TYR C 166 -11.34 5.32 -17.39
C TYR C 166 -11.37 4.33 -16.23
N CYS C 167 -10.41 4.46 -15.32
CA CYS C 167 -10.34 3.54 -14.19
C CYS C 167 -10.34 2.12 -14.71
N GLU C 168 -9.51 1.89 -15.72
CA GLU C 168 -9.36 0.58 -16.33
C GLU C 168 -10.57 0.10 -17.13
N ARG C 169 -11.64 0.87 -17.10
CA ARG C 169 -12.84 0.52 -17.82
C ARG C 169 -12.86 1.08 -19.24
N VAL C 170 -13.20 0.26 -20.22
CA VAL C 170 -13.18 0.71 -21.60
C VAL C 170 -14.59 1.00 -22.10
N ARG C 171 -14.85 2.19 -22.66
CA ARG C 171 -16.20 2.52 -23.19
C ARG C 171 -16.10 2.87 -24.69
N ASP C 172 -17.06 2.40 -25.48
CA ASP C 172 -17.09 2.68 -26.92
C ASP C 172 -17.71 4.07 -27.12
N LEU C 173 -16.90 5.04 -27.55
CA LEU C 173 -17.39 6.40 -27.76
C LEU C 173 -18.20 6.60 -29.03
N LEU C 174 -18.20 5.60 -29.91
CA LEU C 174 -18.95 5.67 -31.15
C LEU C 174 -20.28 4.94 -30.96
N ASN C 175 -20.50 4.43 -29.75
CA ASN C 175 -21.72 3.71 -29.44
C ASN C 175 -22.02 3.88 -27.94
N PRO C 176 -22.22 5.14 -27.49
CA PRO C 176 -22.52 5.44 -26.08
C PRO C 176 -23.89 4.90 -25.73
N LYS C 177 -24.44 4.18 -26.69
CA LYS C 177 -25.75 3.58 -26.61
C LYS C 177 -25.68 2.16 -26.00
N ASN C 178 -24.50 1.79 -25.50
CA ASN C 178 -24.31 0.50 -24.85
C ASN C 178 -23.40 0.75 -23.62
N LYS C 179 -23.83 0.21 -22.48
CA LYS C 179 -23.15 0.42 -21.20
C LYS C 179 -22.16 -0.64 -20.80
N GLY C 180 -22.06 -1.67 -21.62
CA GLY C 180 -21.12 -2.70 -21.31
C GLY C 180 -19.75 -2.04 -21.20
N ASN C 181 -18.97 -2.53 -20.26
CA ASN C 181 -17.64 -2.03 -20.16
C ASN C 181 -16.97 -3.13 -20.92
N LEU C 182 -16.63 -2.79 -22.16
CA LEU C 182 -16.00 -3.73 -23.06
C LEU C 182 -14.78 -4.33 -22.41
N ARG C 183 -14.67 -5.62 -22.65
CA ARG C 183 -13.63 -6.44 -22.15
C ARG C 183 -12.44 -6.45 -23.11
N VAL C 184 -11.26 -6.19 -22.57
CA VAL C 184 -10.04 -6.22 -23.33
C VAL C 184 -9.60 -7.67 -23.28
N ARG C 185 -9.34 -8.25 -24.45
CA ARG C 185 -8.92 -9.63 -24.52
C ARG C 185 -7.62 -9.82 -25.28
N GLU C 186 -7.10 -11.05 -25.23
CA GLU C 186 -5.86 -11.40 -25.92
C GLU C 186 -6.25 -12.47 -26.89
N HIS C 187 -6.19 -12.17 -28.18
CA HIS C 187 -6.53 -13.16 -29.17
C HIS C 187 -5.41 -14.20 -29.09
N PRO C 188 -5.76 -15.50 -29.16
CA PRO C 188 -4.72 -16.53 -29.06
C PRO C 188 -3.56 -16.40 -30.06
N LEU C 189 -3.83 -15.81 -31.22
CA LEU C 189 -2.79 -15.64 -32.24
C LEU C 189 -2.53 -14.19 -32.66
N LEU C 190 -3.57 -13.37 -32.69
CA LEU C 190 -3.46 -12.00 -33.17
C LEU C 190 -3.26 -10.85 -32.20
N GLY C 191 -3.04 -11.14 -30.92
CA GLY C 191 -2.80 -10.06 -29.98
C GLY C 191 -4.01 -9.48 -29.28
N PRO C 192 -3.83 -8.40 -28.52
CA PRO C 192 -4.91 -7.75 -27.77
C PRO C 192 -5.93 -6.99 -28.62
N TYR C 193 -7.19 -7.00 -28.17
CA TYR C 193 -8.26 -6.30 -28.85
C TYR C 193 -9.38 -6.01 -27.85
N VAL C 194 -10.23 -5.03 -28.18
CA VAL C 194 -11.36 -4.69 -27.32
C VAL C 194 -12.55 -5.42 -27.89
N GLU C 195 -13.11 -6.34 -27.11
CA GLU C 195 -14.24 -7.13 -27.57
C GLU C 195 -15.49 -6.29 -27.85
N ASP C 196 -16.05 -6.49 -29.05
CA ASP C 196 -17.26 -5.79 -29.49
C ASP C 196 -17.13 -4.28 -29.65
N LEU C 197 -15.89 -3.77 -29.73
CA LEU C 197 -15.71 -2.34 -29.92
C LEU C 197 -16.16 -2.07 -31.36
N SER C 198 -17.00 -1.05 -31.55
CA SER C 198 -17.49 -0.77 -32.90
C SER C 198 -16.38 -0.27 -33.83
N LYS C 199 -16.42 -0.72 -35.08
CA LYS C 199 -15.43 -0.33 -36.09
C LYS C 199 -16.29 0.11 -37.30
N LEU C 200 -16.33 1.43 -37.54
CA LEU C 200 -17.17 2.00 -38.61
C LEU C 200 -16.47 2.46 -39.88
N ALA C 201 -17.04 2.07 -41.02
CA ALA C 201 -16.49 2.45 -42.32
C ALA C 201 -16.86 3.91 -42.58
N VAL C 202 -15.89 4.71 -43.03
CA VAL C 202 -16.12 6.12 -43.31
C VAL C 202 -15.52 6.42 -44.68
N THR C 203 -16.25 7.16 -45.52
CA THR C 203 -15.76 7.46 -46.86
C THR C 203 -15.48 8.93 -47.15
N SER C 204 -15.46 9.76 -46.12
CA SER C 204 -15.17 11.17 -46.31
C SER C 204 -14.67 11.76 -45.00
N TYR C 205 -13.96 12.87 -45.10
CA TYR C 205 -13.45 13.52 -43.90
C TYR C 205 -14.61 14.07 -43.07
N ASN C 206 -15.61 14.61 -43.75
CA ASN C 206 -16.77 15.15 -43.04
C ASN C 206 -17.39 14.09 -42.15
N ASP C 207 -17.54 12.89 -42.67
CA ASP C 207 -18.13 11.81 -41.90
C ASP C 207 -17.27 11.40 -40.71
N ILE C 208 -15.96 11.32 -40.91
CA ILE C 208 -15.08 10.93 -39.84
C ILE C 208 -15.09 12.01 -38.77
N GLN C 209 -15.13 13.27 -39.20
CA GLN C 209 -15.16 14.37 -38.25
C GLN C 209 -16.43 14.33 -37.40
N ASP C 210 -17.54 13.97 -38.04
CA ASP C 210 -18.81 13.87 -37.32
C ASP C 210 -18.75 12.82 -36.22
N LEU C 211 -18.08 11.70 -36.51
CA LEU C 211 -17.93 10.64 -35.51
C LEU C 211 -17.01 11.11 -34.40
N MET C 212 -15.98 11.85 -34.77
CA MET C 212 -15.02 12.39 -33.82
C MET C 212 -15.74 13.33 -32.85
N ASP C 213 -16.58 14.19 -33.41
CA ASP C 213 -17.34 15.16 -32.63
C ASP C 213 -18.29 14.52 -31.62
N SER C 214 -19.09 13.57 -32.06
CA SER C 214 -20.03 12.90 -31.16
C SER C 214 -19.25 12.11 -30.14
N GLY C 215 -18.10 11.56 -30.56
CA GLY C 215 -17.27 10.79 -29.67
C GLY C 215 -16.77 11.68 -28.56
N ASN C 216 -16.23 12.85 -28.93
CA ASN C 216 -15.71 13.79 -27.94
C ASN C 216 -16.83 14.19 -26.99
N LYS C 217 -18.06 14.11 -27.45
CA LYS C 217 -19.23 14.46 -26.64
C LYS C 217 -19.60 13.37 -25.65
N ALA C 218 -19.06 12.16 -25.86
CA ALA C 218 -19.38 11.04 -24.99
C ALA C 218 -18.36 10.71 -23.91
N ARG C 219 -17.30 11.50 -23.78
CA ARG C 219 -16.28 11.23 -22.77
C ARG C 219 -16.73 11.59 -21.36
N THR C 220 -16.21 10.84 -20.38
CA THR C 220 -16.52 11.02 -18.97
C THR C 220 -16.08 12.38 -18.44
N VAL C 221 -16.94 13.02 -17.66
CA VAL C 221 -16.63 14.33 -17.08
C VAL C 221 -16.52 14.18 -15.57
N ALA C 222 -15.90 15.15 -14.91
CA ALA C 222 -15.71 15.09 -13.47
C ALA C 222 -16.11 16.38 -12.73
N ALA C 223 -16.99 16.23 -11.74
CA ALA C 223 -17.43 17.37 -10.95
C ALA C 223 -16.16 18.08 -10.45
N THR C 224 -15.19 17.27 -10.07
CA THR C 224 -13.89 17.70 -9.56
C THR C 224 -13.11 18.58 -10.55
N ASN C 225 -13.43 18.45 -11.84
CA ASN C 225 -12.76 19.21 -12.88
C ASN C 225 -13.79 20.29 -13.37
N MET C 226 -14.69 20.68 -12.47
N MET C 226 -14.69 20.71 -12.46
CA MET C 226 -15.74 21.67 -12.75
CA MET C 226 -15.73 21.71 -12.79
C MET C 226 -16.58 21.08 -13.88
C MET C 226 -16.58 21.09 -13.89
N ASN C 227 -16.87 19.81 -13.73
CA ASN C 227 -17.64 19.02 -14.68
C ASN C 227 -17.12 19.01 -16.11
N GLU C 228 -15.81 19.26 -16.26
CA GLU C 228 -15.16 19.21 -17.57
C GLU C 228 -14.71 17.76 -17.74
N THR C 229 -14.32 17.40 -18.97
CA THR C 229 -13.86 16.03 -19.21
C THR C 229 -12.91 15.62 -18.07
N SER C 230 -13.12 14.43 -17.52
CA SER C 230 -12.29 13.95 -16.42
C SER C 230 -10.82 13.92 -16.79
N SER C 231 -9.99 14.46 -15.90
CA SER C 231 -8.56 14.49 -16.12
C SER C 231 -7.96 13.09 -16.06
N ARG C 232 -8.77 12.12 -15.65
CA ARG C 232 -8.31 10.75 -15.49
C ARG C 232 -8.70 9.73 -16.56
N SER C 233 -9.31 10.18 -17.65
CA SER C 233 -9.69 9.25 -18.70
C SER C 233 -8.74 9.32 -19.89
N HIS C 234 -8.52 8.18 -20.54
CA HIS C 234 -7.64 8.11 -21.71
C HIS C 234 -8.52 7.93 -22.94
N ALA C 235 -8.20 8.62 -24.03
CA ALA C 235 -8.97 8.49 -25.26
C ALA C 235 -8.09 7.90 -26.35
N VAL C 236 -8.53 6.81 -26.96
CA VAL C 236 -7.76 6.20 -28.02
C VAL C 236 -8.54 6.22 -29.32
N PHE C 237 -8.00 6.93 -30.31
CA PHE C 237 -8.63 7.05 -31.62
C PHE C 237 -7.90 6.19 -32.65
N ASN C 238 -8.56 5.16 -33.15
CA ASN C 238 -7.93 4.28 -34.11
C ASN C 238 -8.50 4.31 -35.52
N ILE C 239 -7.62 4.27 -36.50
CA ILE C 239 -8.02 4.20 -37.89
C ILE C 239 -7.39 2.96 -38.50
N ILE C 240 -8.19 2.18 -39.21
CA ILE C 240 -7.68 1.00 -39.90
C ILE C 240 -7.68 1.38 -41.37
N PHE C 241 -6.50 1.64 -41.92
CA PHE C 241 -6.37 2.04 -43.31
C PHE C 241 -5.96 0.87 -44.22
N THR C 242 -6.89 0.45 -45.08
CA THR C 242 -6.64 -0.65 -45.99
C THR C 242 -6.45 -0.18 -47.43
N GLN C 243 -5.34 -0.58 -48.04
CA GLN C 243 -5.03 -0.23 -49.42
C GLN C 243 -5.14 -1.48 -50.26
N LYS C 244 -5.90 -1.40 -51.34
CA LYS C 244 -6.08 -2.54 -52.23
C LYS C 244 -5.56 -2.18 -53.61
N ARG C 245 -4.56 -2.93 -54.06
CA ARG C 245 -3.95 -2.65 -55.34
C ARG C 245 -4.22 -3.72 -56.36
N HIS C 246 -5.00 -3.38 -57.36
CA HIS C 246 -5.33 -4.34 -58.38
C HIS C 246 -4.28 -4.28 -59.48
N ASP C 247 -4.38 -5.27 -60.34
CA ASP C 247 -3.67 -5.33 -61.61
C ASP C 247 -4.28 -6.43 -62.44
N ALA C 248 -4.76 -6.03 -63.63
CA ALA C 248 -5.36 -6.91 -64.62
C ALA C 248 -4.15 -7.71 -65.13
N GLU C 249 -4.14 -8.98 -64.78
CA GLU C 249 -2.99 -9.84 -65.04
C GLU C 249 -3.29 -11.28 -64.56
N THR C 250 -3.01 -11.54 -63.29
CA THR C 250 -3.28 -12.83 -62.64
C THR C 250 -4.62 -12.62 -61.91
N ASN C 251 -4.93 -11.35 -61.68
CA ASN C 251 -6.17 -10.89 -61.03
C ASN C 251 -6.25 -10.92 -59.53
N ILE C 252 -5.09 -10.91 -58.93
CA ILE C 252 -5.06 -10.91 -57.50
C ILE C 252 -4.92 -9.48 -57.01
N THR C 253 -5.77 -9.11 -56.06
CA THR C 253 -5.63 -7.80 -55.48
C THR C 253 -4.76 -8.01 -54.25
N THR C 254 -3.78 -7.14 -54.06
CA THR C 254 -2.94 -7.24 -52.88
C THR C 254 -3.48 -6.28 -51.84
N GLU C 255 -3.25 -6.59 -50.58
CA GLU C 255 -3.74 -5.73 -49.51
C GLU C 255 -2.64 -5.31 -48.56
N LYS C 256 -2.69 -4.03 -48.19
CA LYS C 256 -1.76 -3.44 -47.24
C LYS C 256 -2.65 -2.81 -46.17
N VAL C 257 -2.50 -3.24 -44.93
CA VAL C 257 -3.30 -2.71 -43.82
C VAL C 257 -2.45 -2.04 -42.76
N SER C 258 -2.72 -0.77 -42.49
N SER C 258 -2.72 -0.77 -42.49
CA SER C 258 -1.98 -0.01 -41.49
CA SER C 258 -1.97 -0.02 -41.48
C SER C 258 -2.94 0.43 -40.38
C SER C 258 -2.94 0.43 -40.38
N LYS C 259 -2.51 0.30 -39.13
CA LYS C 259 -3.35 0.70 -38.00
C LYS C 259 -2.75 2.01 -37.48
N ILE C 260 -3.57 3.05 -37.40
CA ILE C 260 -3.13 4.35 -36.93
C ILE C 260 -3.76 4.56 -35.56
N SER C 261 -2.93 4.72 -34.53
N SER C 261 -2.93 4.72 -34.53
CA SER C 261 -3.42 4.92 -33.18
CA SER C 261 -3.43 4.91 -33.17
C SER C 261 -3.05 6.29 -32.65
C SER C 261 -3.05 6.29 -32.64
N LEU C 262 -4.07 7.10 -32.40
CA LEU C 262 -3.87 8.46 -31.91
C LEU C 262 -4.40 8.52 -30.49
N VAL C 263 -3.48 8.71 -29.55
CA VAL C 263 -3.79 8.68 -28.13
C VAL C 263 -3.68 9.97 -27.34
N ASP C 264 -4.72 10.26 -26.55
CA ASP C 264 -4.76 11.45 -25.71
C ASP C 264 -4.91 10.93 -24.28
N LEU C 265 -3.79 10.89 -23.56
CA LEU C 265 -3.73 10.36 -22.19
C LEU C 265 -4.27 11.21 -21.06
N ALA C 266 -4.58 10.55 -19.95
CA ALA C 266 -5.05 11.23 -18.76
C ALA C 266 -3.86 11.97 -18.19
N GLY C 267 -4.12 12.90 -17.28
CA GLY C 267 -3.06 13.68 -16.67
C GLY C 267 -2.09 12.83 -15.84
N SER C 268 -0.80 12.96 -16.16
CA SER C 268 0.26 12.20 -15.51
C SER C 268 0.42 12.56 -14.05
N GLU C 269 -0.31 13.59 -13.64
CA GLU C 269 -0.41 14.12 -12.29
C GLU C 269 -0.99 15.53 -12.34
N ALA C 285 -8.68 -2.63 -11.96
CA ALA C 285 -9.64 -1.67 -11.49
C ALA C 285 -9.28 -0.56 -10.53
N ASN C 286 -8.45 0.35 -10.94
CA ASN C 286 -7.93 1.38 -10.08
C ASN C 286 -7.71 2.60 -10.94
N ILE C 287 -7.80 3.78 -10.33
CA ILE C 287 -7.69 5.03 -11.07
C ILE C 287 -6.42 5.40 -11.88
N ASN C 288 -5.24 5.25 -11.32
CA ASN C 288 -4.01 5.61 -12.02
C ASN C 288 -3.14 4.46 -12.50
N LYS C 289 -3.71 3.26 -12.57
CA LYS C 289 -2.96 2.09 -13.00
C LYS C 289 -2.31 2.24 -14.37
N SER C 290 -3.12 2.50 -15.40
CA SER C 290 -2.59 2.65 -16.75
C SER C 290 -1.45 3.65 -16.88
N LEU C 291 -1.59 4.80 -16.24
CA LEU C 291 -0.57 5.83 -16.33
C LEU C 291 0.72 5.47 -15.58
N THR C 292 0.58 4.88 -14.41
CA THR C 292 1.75 4.49 -13.65
C THR C 292 2.41 3.31 -14.36
N THR C 293 1.61 2.40 -14.90
CA THR C 293 2.15 1.25 -15.62
C THR C 293 2.85 1.69 -16.91
N LEU C 294 2.29 2.72 -17.56
CA LEU C 294 2.90 3.24 -18.79
C LEU C 294 4.29 3.74 -18.45
N GLY C 295 4.42 4.41 -17.32
CA GLY C 295 5.70 4.93 -16.88
C GLY C 295 6.70 3.79 -16.72
N LYS C 296 6.27 2.71 -16.08
CA LYS C 296 7.11 1.54 -15.85
C LYS C 296 7.52 0.88 -17.15
N VAL C 297 6.60 0.81 -18.11
CA VAL C 297 6.88 0.19 -19.39
C VAL C 297 7.92 0.99 -20.16
N ILE C 298 7.78 2.32 -20.14
CA ILE C 298 8.69 3.21 -20.83
C ILE C 298 10.08 3.10 -20.20
N SER C 299 10.12 3.13 -18.86
CA SER C 299 11.38 3.03 -18.13
C SER C 299 12.07 1.71 -18.43
N ALA C 300 11.31 0.62 -18.38
CA ALA C 300 11.85 -0.71 -18.66
C ALA C 300 12.39 -0.85 -20.07
N LEU C 301 11.66 -0.30 -21.03
CA LEU C 301 12.08 -0.37 -22.42
C LEU C 301 13.35 0.45 -22.67
N ALA C 302 13.40 1.64 -22.07
CA ALA C 302 14.56 2.51 -22.23
C ALA C 302 15.80 1.85 -21.65
N GLU C 303 15.59 1.08 -20.58
CA GLU C 303 16.66 0.35 -19.87
C GLU C 303 17.15 -0.86 -20.69
N MET C 304 16.20 -1.71 -21.08
CA MET C 304 16.46 -2.94 -21.84
C MET C 304 17.24 -2.78 -23.14
N ASP C 305 17.30 -1.55 -23.63
CA ASP C 305 17.96 -1.25 -24.88
C ASP C 305 19.12 -0.25 -24.74
N PHE C 319 11.70 -8.25 -17.79
CA PHE C 319 10.44 -8.21 -18.50
C PHE C 319 9.72 -6.89 -18.31
N ILE C 320 8.80 -6.73 -19.24
CA ILE C 320 7.98 -5.54 -19.37
C ILE C 320 6.52 -5.79 -18.99
N PRO C 321 6.06 -5.04 -17.98
CA PRO C 321 4.69 -5.16 -17.50
C PRO C 321 3.61 -4.62 -18.43
N TYR C 322 3.47 -5.17 -19.63
CA TYR C 322 2.43 -4.70 -20.53
C TYR C 322 1.04 -5.02 -19.97
N ARG C 323 0.87 -6.25 -19.49
CA ARG C 323 -0.41 -6.71 -18.98
C ARG C 323 -0.91 -6.13 -17.67
N ASP C 324 -0.08 -5.37 -16.99
CA ASP C 324 -0.49 -4.80 -15.71
C ASP C 324 -1.53 -3.69 -15.81
N SER C 325 -1.84 -3.25 -17.02
CA SER C 325 -2.87 -2.22 -17.23
C SER C 325 -3.48 -2.39 -18.62
N VAL C 326 -4.73 -1.95 -18.75
CA VAL C 326 -5.44 -2.07 -20.03
C VAL C 326 -4.81 -1.21 -21.12
N LEU C 327 -4.29 -0.05 -20.74
CA LEU C 327 -3.66 0.84 -21.70
C LEU C 327 -2.39 0.22 -22.29
N THR C 328 -1.46 -0.13 -21.43
CA THR C 328 -0.20 -0.72 -21.88
C THR C 328 -0.42 -2.04 -22.57
N TRP C 329 -1.52 -2.70 -22.25
CA TRP C 329 -1.82 -3.99 -22.86
C TRP C 329 -2.22 -3.77 -24.33
N LEU C 330 -3.21 -2.88 -24.53
CA LEU C 330 -3.69 -2.57 -25.86
C LEU C 330 -2.62 -1.93 -26.73
N LEU C 331 -1.73 -1.15 -26.12
CA LEU C 331 -0.67 -0.49 -26.86
C LEU C 331 0.67 -1.25 -26.85
N ARG C 332 0.65 -2.53 -26.49
CA ARG C 332 1.88 -3.32 -26.44
C ARG C 332 2.73 -3.18 -27.70
N GLU C 333 2.16 -3.44 -28.87
CA GLU C 333 2.97 -3.33 -30.09
C GLU C 333 3.43 -1.94 -30.49
N ASN C 334 2.83 -0.90 -29.91
CA ASN C 334 3.25 0.46 -30.23
C ASN C 334 4.40 0.87 -29.33
N LEU C 335 4.56 0.16 -28.22
CA LEU C 335 5.63 0.48 -27.27
C LEU C 335 6.67 -0.65 -27.24
N GLY C 336 7.49 -0.72 -28.30
CA GLY C 336 8.50 -1.75 -28.37
C GLY C 336 8.25 -2.71 -29.51
N GLY C 337 7.01 -2.76 -29.96
CA GLY C 337 6.65 -3.66 -31.04
C GLY C 337 6.78 -3.15 -32.47
N ASN C 338 6.06 -3.82 -33.37
CA ASN C 338 6.03 -3.52 -34.78
C ASN C 338 5.21 -2.26 -35.08
N SER C 339 5.83 -1.10 -34.90
CA SER C 339 5.14 0.17 -35.10
C SER C 339 6.07 1.37 -35.05
N ARG C 340 5.70 2.45 -35.76
CA ARG C 340 6.46 3.69 -35.75
C ARG C 340 5.71 4.53 -34.73
N THR C 341 6.37 4.91 -33.65
CA THR C 341 5.73 5.65 -32.59
C THR C 341 6.31 7.00 -32.25
N ALA C 342 5.45 7.89 -31.77
CA ALA C 342 5.88 9.22 -31.40
C ALA C 342 5.15 9.69 -30.17
N MET C 343 5.88 10.40 -29.33
CA MET C 343 5.32 10.95 -28.11
C MET C 343 5.37 12.46 -28.19
N VAL C 344 4.32 13.11 -27.73
CA VAL C 344 4.34 14.56 -27.68
C VAL C 344 4.07 14.85 -26.24
N ALA C 345 5.06 15.42 -25.55
CA ALA C 345 4.88 15.72 -24.15
C ALA C 345 4.50 17.18 -23.95
N ALA C 346 3.35 17.39 -23.32
CA ALA C 346 2.86 18.73 -23.04
C ALA C 346 3.44 19.26 -21.75
N LEU C 347 3.90 20.51 -21.78
CA LEU C 347 4.49 21.15 -20.62
C LEU C 347 3.85 22.47 -20.19
N SER C 348 3.63 22.61 -18.89
CA SER C 348 3.14 23.86 -18.33
C SER C 348 4.42 24.70 -18.24
N PRO C 349 4.32 26.03 -18.48
CA PRO C 349 5.48 26.90 -18.41
C PRO C 349 5.69 27.48 -17.03
N ALA C 350 4.71 27.28 -16.16
CA ALA C 350 4.71 27.86 -14.83
C ALA C 350 5.61 27.31 -13.74
N ASP C 351 6.13 28.24 -12.94
CA ASP C 351 6.98 27.94 -11.81
C ASP C 351 6.31 26.99 -10.83
N ILE C 352 5.00 27.17 -10.61
CA ILE C 352 4.26 26.33 -9.68
C ILE C 352 4.17 24.85 -10.07
N ASN C 353 4.42 24.54 -11.33
CA ASN C 353 4.33 23.15 -11.77
C ASN C 353 5.70 22.50 -12.02
N TYR C 354 6.73 23.06 -11.42
CA TYR C 354 8.10 22.57 -11.58
C TYR C 354 8.27 21.05 -11.45
N ASP C 355 7.91 20.48 -10.31
CA ASP C 355 8.07 19.05 -10.12
C ASP C 355 7.39 18.20 -11.17
N GLU C 356 6.14 18.54 -11.48
N GLU C 356 6.15 18.54 -11.49
CA GLU C 356 5.39 17.79 -12.49
CA GLU C 356 5.43 17.77 -12.50
C GLU C 356 6.01 17.93 -13.88
C GLU C 356 6.02 17.93 -13.89
N THR C 357 6.45 19.14 -14.22
CA THR C 357 7.04 19.39 -15.53
C THR C 357 8.39 18.68 -15.65
N LEU C 358 9.18 18.69 -14.57
CA LEU C 358 10.48 18.00 -14.59
C LEU C 358 10.25 16.51 -14.83
N SER C 359 9.25 15.96 -14.15
CA SER C 359 8.93 14.55 -14.31
C SER C 359 8.53 14.21 -15.76
N THR C 360 7.76 15.10 -16.37
CA THR C 360 7.33 14.86 -17.76
C THR C 360 8.57 14.88 -18.66
N LEU C 361 9.43 15.86 -18.46
CA LEU C 361 10.65 15.99 -19.27
C LEU C 361 11.53 14.75 -19.12
N ARG C 362 11.61 14.20 -17.90
CA ARG C 362 12.41 13.01 -17.64
C ARG C 362 11.79 11.78 -18.27
N TYR C 363 10.47 11.69 -18.27
CA TYR C 363 9.87 10.53 -18.90
C TYR C 363 9.97 10.62 -20.41
N ALA C 364 9.98 11.86 -20.92
CA ALA C 364 10.06 12.05 -22.37
C ALA C 364 11.49 11.73 -22.81
N ASP C 365 12.45 12.00 -21.92
CA ASP C 365 13.85 11.75 -22.21
C ASP C 365 14.07 10.23 -22.30
N ARG C 366 13.40 9.46 -21.44
CA ARG C 366 13.51 8.00 -21.47
C ARG C 366 12.85 7.38 -22.70
N ALA C 367 11.69 7.89 -23.08
CA ALA C 367 10.96 7.37 -24.26
C ALA C 367 11.81 7.51 -25.51
N LYS C 368 12.57 8.59 -25.55
CA LYS C 368 13.47 8.92 -26.65
C LYS C 368 14.46 7.74 -26.87
N GLN C 369 14.70 6.98 -25.81
CA GLN C 369 15.63 5.84 -25.85
C GLN C 369 14.99 4.52 -26.29
N ILE C 370 13.67 4.51 -26.40
CA ILE C 370 12.99 3.29 -26.83
C ILE C 370 13.17 3.08 -28.32
N ARG C 371 13.34 1.82 -28.73
CA ARG C 371 13.46 1.52 -30.16
C ARG C 371 12.52 0.37 -30.45
N ASN C 372 11.64 0.56 -31.42
CA ASN C 372 10.68 -0.47 -31.78
C ASN C 372 11.28 -1.37 -32.84
N THR C 373 10.71 -2.56 -33.00
CA THR C 373 11.22 -3.50 -33.99
C THR C 373 10.26 -3.66 -35.16
N VAL C 374 10.48 -2.85 -36.20
CA VAL C 374 9.63 -2.83 -37.38
C VAL C 374 10.23 -3.51 -38.62
PG GTP D . -19.16 -28.18 -9.36
O1G GTP D . -19.91 -27.01 -8.84
O2G GTP D . -18.71 -27.74 -10.77
O3G GTP D . -20.23 -29.37 -9.58
O3B GTP D . -17.95 -28.53 -8.42
PB GTP D . -18.10 -28.71 -6.85
O1B GTP D . -18.82 -29.96 -6.86
O2B GTP D . -18.48 -27.60 -5.93
O3A GTP D . -16.68 -29.13 -6.52
PA GTP D . -16.27 -30.54 -6.08
O1A GTP D . -16.18 -31.38 -7.31
O2A GTP D . -17.20 -30.93 -4.98
O5' GTP D . -14.83 -30.32 -5.57
C5' GTP D . -13.83 -29.79 -6.42
C4' GTP D . -12.54 -29.88 -5.78
O4' GTP D . -12.74 -29.39 -4.46
C3' GTP D . -12.05 -31.26 -5.67
O3' GTP D . -10.73 -31.32 -6.16
C2' GTP D . -12.02 -31.49 -4.21
O2' GTP D . -10.90 -32.16 -3.87
C1' GTP D . -12.00 -30.12 -3.61
N9 GTP D . -12.69 -30.08 -2.34
C8 GTP D . -14.03 -30.07 -2.11
N7 GTP D . -14.37 -30.05 -0.85
C5 GTP D . -13.16 -30.06 -0.21
C6 GTP D . -12.90 -29.95 1.16
O6 GTP D . -13.69 -29.82 2.09
N1 GTP D . -11.57 -29.87 1.37
C2 GTP D . -10.61 -29.93 0.40
N2 GTP D . -9.37 -29.88 0.82
N3 GTP D . -10.83 -30.02 -0.88
C4 GTP D . -12.13 -30.05 -1.12
PB GDP E . 1.03 2.38 12.12
O1B GDP E . 1.82 3.44 11.57
O2B GDP E . 0.01 2.68 13.11
O3B GDP E . 0.48 1.55 10.97
O3A GDP E . 2.06 1.47 12.76
PA GDP E . 2.10 0.95 14.24
O1A GDP E . 2.52 2.01 15.14
O2A GDP E . 0.88 0.18 14.52
O5' GDP E . 3.29 -0.04 14.02
C5' GDP E . 4.44 0.37 13.29
C4' GDP E . 5.67 -0.20 13.86
O4' GDP E . 5.85 0.31 15.16
C3' GDP E . 5.66 -1.69 13.99
O3' GDP E . 6.32 -2.29 12.88
C2' GDP E . 6.23 -1.97 15.32
O2' GDP E . 7.56 -2.33 15.27
C1' GDP E . 6.05 -0.72 16.06
N9 GDP E . 4.99 -0.77 17.08
C8 GDP E . 3.68 -1.15 17.06
N7 GDP E . 3.04 -1.07 18.18
C5 GDP E . 3.99 -0.60 19.04
C6 GDP E . 3.90 -0.29 20.43
O6 GDP E . 2.93 -0.39 21.16
N1 GDP E . 5.12 0.18 20.92
C2 GDP E . 6.28 0.33 20.16
N2 GDP E . 7.35 0.79 20.76
N3 GDP E . 6.37 0.05 18.89
C4 GDP E . 5.19 -0.41 18.38
C1 TXL F . 10.16 -0.21 39.14
C2 TXL F . 11.21 -0.98 38.14
C3 TXL F . 12.46 -0.18 37.83
C4 TXL F . 12.87 -0.34 36.25
C5 TXL F . 14.26 -0.15 35.72
C6 TXL F . 15.20 0.28 36.76
C7 TXL F . 14.61 0.62 38.25
C8 TXL F . 13.56 -0.44 38.63
C9 TXL F . 13.35 -0.11 40.24
C10 TXL F . 12.76 1.17 41.01
C11 TXL F . 11.49 1.33 40.61
C12 TXL F . 11.24 2.45 40.11
C13 TXL F . 10.03 2.39 39.49
C14 TXL F . 9.84 1.04 38.54
C15 TXL F . 10.48 0.18 40.66
C16 TXL F . 10.89 -1.07 41.17
C17 TXL F . 9.35 0.65 41.70
C18 TXL F . 12.08 3.71 40.07
C19 TXL F . 14.00 -1.89 38.26
C20 TXL F . 12.98 -1.77 35.41
O1 TXL F . 9.07 -1.08 39.09
O2 TXL F . 10.69 -1.36 36.84
O3 TXL F . 12.11 0.40 35.56
O4 TXL F . 14.31 -1.58 35.09
O5 TXL F . 15.53 0.81 39.17
O6 TXL F . 13.78 -0.83 40.92
O7 TXL F . 12.72 1.23 42.47
O8 TXL F . 10.05 3.44 38.63
C21 TXL F . 9.44 4.56 39.21
O9 TXL F . 8.82 4.64 40.30
C22 TXL F . 9.72 5.70 38.39
O10 TXL F . 9.09 6.83 39.13
C23 TXL F . 9.38 5.37 36.92
C24 TXL F . 9.73 6.59 36.20
C25 TXL F . 8.93 7.57 36.20
C26 TXL F . 9.32 8.75 35.67
C27 TXL F . 10.54 8.94 35.12
C28 TXL F . 11.34 7.94 35.09
C29 TXL F . 10.95 6.78 35.62
N1 TXL F . 8.05 4.96 36.95
C30 TXL F . 7.68 3.95 35.98
O11 TXL F . 8.34 3.17 35.20
O12 TXL F . 6.42 3.89 36.12
C31 TXL F . 5.73 2.82 35.26
C32 TXL F . 4.44 3.17 35.81
C33 TXL F . 6.04 2.92 33.75
C34 TXL F . 6.00 1.45 35.57
C35 TXL F . 10.23 -2.64 36.48
O13 TXL F . 10.24 -3.53 37.20
C36 TXL F . 9.77 -2.84 35.15
C37 TXL F . 9.50 -1.78 34.52
C38 TXL F . 9.07 -2.06 33.22
C39 TXL F . 8.89 -3.17 32.54
C40 TXL F . 9.28 -4.29 33.03
C41 TXL F . 9.66 -4.18 34.43
C42 TXL F . 12.35 1.78 35.66
O14 TXL F . 13.10 2.36 36.34
C43 TXL F . 11.56 2.35 34.82
MG MG G . -7.30 16.76 -22.27
PG ACP H . -6.40 17.14 -18.96
O1G ACP H . -5.14 16.54 -18.44
O2G ACP H . -6.97 16.18 -20.11
O3G ACP H . -7.41 17.36 -17.89
PB ACP H . -5.03 18.92 -21.20
O1B ACP H . -5.69 18.09 -22.24
O2B ACP H . -3.59 18.54 -20.96
C3B ACP H . -6.05 18.77 -19.73
PA ACP H . -5.88 21.36 -22.56
O1A ACP H . -7.26 21.43 -22.07
O2A ACP H . -5.82 20.88 -23.94
O3A ACP H . -5.01 20.43 -21.61
O5' ACP H . -5.11 22.75 -22.37
C5' ACP H . -5.42 23.62 -21.25
C4' ACP H . -5.63 25.04 -21.79
O4' ACP H . -4.45 25.51 -22.47
C3' ACP H . -6.79 25.13 -22.81
O3' ACP H . -7.57 26.30 -22.52
C2' ACP H . -6.08 25.18 -24.17
O2' ACP H . -6.89 25.79 -25.20
C1' ACP H . -4.80 25.91 -23.82
N9 ACP H . -3.64 25.57 -24.73
C8 ACP H . -2.96 24.39 -24.70
N7 ACP H . -1.99 24.41 -25.59
C5 ACP H . -2.01 25.59 -26.22
C6 ACP H . -1.22 26.16 -27.22
N6 ACP H . -0.20 25.50 -27.78
N1 ACP H . -1.54 27.44 -27.64
C2 ACP H . -2.57 28.15 -27.09
N3 ACP H . -3.30 27.59 -26.12
C4 ACP H . -3.06 26.31 -25.64
#